data_8F19
#
_entry.id   8F19
#
_cell.length_a   1.00
_cell.length_b   1.00
_cell.length_c   1.00
_cell.angle_alpha   90.00
_cell.angle_beta   90.00
_cell.angle_gamma   90.00
#
_symmetry.space_group_name_H-M   'P 1'
#
loop_
_entity.id
_entity.type
_entity.pdbx_description
1 polymer 'Importin subunit beta-5'
2 polymer 'GTP-binding nuclear protein GSP1/CNR1'
3 non-polymer "GUANOSINE-5'-TRIPHOSPHATE"
4 non-polymer 'MAGNESIUM ION'
#
loop_
_entity_poly.entity_id
_entity_poly.type
_entity_poly.pdbx_seq_one_letter_code
_entity_poly.pdbx_strand_id
1 'polypeptide(L)'
;MDINELIIGAQSADKHTREVAETQLLQWCDSDASQVFKALANVALQHEASLESRQFALLSLRKLITMYWSPGFESYRSTS
NVEIDVKDFIREVLLKLCLNDNENTKIKNGASYCIVQISAVDFPDQWPQLLTVIYDAISHQHSLNAMSLLNEIYDDVVSE
EMFFEGGIGLATMEIVFKVLNTETSTLIAKIAALKLLKACLLQMSSHNEYDEASRKSFVSQCLATSLQILGQLLTLNFGN
VDVISQLKFKSIIYENLVFIKNDFSRKHFSSELQKQFKIMAIQDLENVTHINANVETTESEPLLETVHDCSIYIVEFLTS
VCTLQFSVEEMNKIITSLTILCQLSSETREIWTSDFNTFVSKETGLAASYNVRDQANEFFTSLPNPQLSLIFKVVSNDIE
HSTCNYSTLESLLYLLQCILLNDDEITGENIDQSLQILIKTLENILVSQEIPELILARAILTIPRVLDKFIDALPDIKPL
TSAFLAKSLNLALKSDKELIKSATLIAFTYYCYFAELDSVLGPEVCSETQEKVIRIINQVSSDAEEDTNGALMEVLSQVI
SYNPKEPHSRKEILQAEFHLVFTISSEDPANVQVVVQSQECLEKLLDNINMDNYKNYIELCLPSFINVLDSNNANNYRYS
PLLSLVLEFITVFLKKKPNDGFLPDEINQYLFEPLAKVLAFSTEDETLQLATEAFSYLIFNTDTRAMEPRLMDIMKVLER
LLSLEVSDSAAMNVGPLVVAIFTRFSKEIQPLIGRILEAVVVRLIKTQNISTEQNLLSVLCFLTCNDPKQTVDFLSSFQI
DNTDALTLVMRKWIEAFEVIRGEKRIKENIVALSNLFFLNDKRLQKVVVNGNLIPYEGDLIITRSMAKKMPDRYVQVPLY
TKIIKLFVSELSFQSKQPNPEQLITSDIKQEVVNANKDDDNDDWEDVDDVLDYDKLKEYIDDDVDEEADDDSDDITGLMD
VKESVVQLLVRFFKEVASKDVSGFHCIYETLSDSERKVLSEALL
;
A
2 'polypeptide(L)'
;MSAPAANGEVPTFKLVLVGDGGTGKTTFVKRHLTGEFEKKYIATIGVEVHPLSFYTNFGEIKFDVWDTAGLEKFGGLRDG
YYINAQCAIIMFDVTSRITYKNVPNWHRDLVRVCENIPIVLCGNKVDVKERKVKAKTITFHRKKNLQYYDISAKSNYNFE
KPFLWLARKLAGNPQLEFV
;
B
#
loop_
_chem_comp.id
_chem_comp.type
_chem_comp.name
_chem_comp.formula
GTP non-polymer GUANOSINE-5'-TRIPHOSPHATE 'C10 H16 N5 O14 P3'
MG non-polymer 'MAGNESIUM ION' 'Mg 2'
#
# COMPACT_ATOMS: atom_id res chain seq x y z
N MET A 1 -14.22 -29.32 35.30
CA MET A 1 -15.16 -30.29 34.75
C MET A 1 -16.46 -29.62 34.34
N ASP A 2 -16.72 -28.43 34.90
CA ASP A 2 -17.91 -27.66 34.56
C ASP A 2 -17.61 -26.82 33.33
N ILE A 3 -18.27 -27.14 32.22
CA ILE A 3 -18.02 -26.44 30.96
C ILE A 3 -18.40 -24.96 31.07
N ASN A 4 -19.45 -24.65 31.85
CA ASN A 4 -19.85 -23.26 32.01
C ASN A 4 -18.77 -22.43 32.70
N GLU A 5 -18.12 -23.01 33.72
CA GLU A 5 -17.05 -22.30 34.38
C GLU A 5 -15.89 -22.03 33.43
N LEU A 6 -15.56 -23.00 32.58
CA LEU A 6 -14.48 -22.82 31.62
C LEU A 6 -14.82 -21.74 30.60
N ILE A 7 -16.03 -21.79 30.03
CA ILE A 7 -16.40 -20.80 29.03
C ILE A 7 -16.64 -19.42 29.63
N ILE A 8 -16.83 -19.32 30.94
CA ILE A 8 -16.88 -18.01 31.59
C ILE A 8 -15.48 -17.49 31.85
N GLY A 9 -14.60 -18.33 32.39
CA GLY A 9 -13.25 -17.89 32.68
C GLY A 9 -12.46 -17.54 31.43
N ALA A 10 -12.71 -18.26 30.34
CA ALA A 10 -11.93 -18.04 29.12
C ALA A 10 -12.17 -16.66 28.53
N GLN A 11 -13.34 -16.08 28.76
CA GLN A 11 -13.65 -14.75 28.24
C GLN A 11 -13.10 -13.62 29.10
N SER A 12 -12.50 -13.93 30.24
CA SER A 12 -11.99 -12.89 31.13
C SER A 12 -10.83 -12.15 30.50
N ALA A 13 -10.76 -10.85 30.78
CA ALA A 13 -9.71 -10.02 30.19
C ALA A 13 -8.36 -10.28 30.85
N ASP A 14 -8.34 -10.63 32.13
CA ASP A 14 -7.08 -10.84 32.83
C ASP A 14 -6.34 -12.07 32.30
N LYS A 15 -5.01 -11.95 32.23
CA LYS A 15 -4.18 -12.99 31.63
C LYS A 15 -4.32 -14.32 32.37
N HIS A 16 -4.30 -14.28 33.71
CA HIS A 16 -4.23 -15.51 34.49
C HIS A 16 -5.43 -16.41 34.25
N THR A 17 -6.64 -15.87 34.39
CA THR A 17 -7.83 -16.69 34.27
C THR A 17 -8.00 -17.23 32.85
N ARG A 18 -7.73 -16.40 31.84
CA ARG A 18 -7.93 -16.82 30.46
C ARG A 18 -7.02 -17.97 30.09
N GLU A 19 -5.73 -17.85 30.42
CA GLU A 19 -4.76 -18.88 30.05
C GLU A 19 -5.05 -20.19 30.76
N VAL A 20 -5.37 -20.13 32.06
CA VAL A 20 -5.65 -21.36 32.79
C VAL A 20 -6.94 -21.99 32.30
N ALA A 21 -7.94 -21.17 31.94
CA ALA A 21 -9.19 -21.72 31.42
C ALA A 21 -8.97 -22.41 30.09
N GLU A 22 -8.19 -21.79 29.19
CA GLU A 22 -7.92 -22.42 27.91
C GLU A 22 -7.09 -23.69 28.06
N THR A 23 -6.11 -23.67 28.97
CA THR A 23 -5.32 -24.87 29.21
C THR A 23 -6.18 -26.00 29.76
N GLN A 24 -7.08 -25.69 30.68
CA GLN A 24 -7.98 -26.71 31.21
C GLN A 24 -8.90 -27.25 30.12
N LEU A 25 -9.41 -26.36 29.26
CA LEU A 25 -10.27 -26.81 28.17
C LEU A 25 -9.52 -27.75 27.24
N LEU A 26 -8.31 -27.37 26.82
CA LEU A 26 -7.56 -28.23 25.91
C LEU A 26 -7.16 -29.54 26.55
N GLN A 27 -6.77 -29.52 27.83
CA GLN A 27 -6.41 -30.76 28.52
C GLN A 27 -7.62 -31.68 28.65
N TRP A 28 -8.77 -31.13 29.03
CA TRP A 28 -9.97 -31.93 29.15
C TRP A 28 -10.37 -32.53 27.80
N CYS A 29 -10.30 -31.74 26.73
CA CYS A 29 -10.75 -32.24 25.44
C CYS A 29 -9.74 -33.23 24.85
N ASP A 30 -8.46 -33.08 25.17
CA ASP A 30 -7.48 -34.09 24.76
C ASP A 30 -7.63 -35.37 25.58
N SER A 31 -8.16 -35.26 26.80
CA SER A 31 -8.43 -36.45 27.59
C SER A 31 -9.66 -37.20 27.08
N ASP A 32 -10.76 -36.48 26.89
CA ASP A 32 -11.99 -37.10 26.35
C ASP A 32 -12.72 -36.02 25.54
N ALA A 33 -12.48 -36.03 24.23
CA ALA A 33 -13.12 -35.05 23.35
C ALA A 33 -14.63 -35.25 23.27
N SER A 34 -15.10 -36.49 23.45
CA SER A 34 -16.53 -36.76 23.28
C SER A 34 -17.37 -36.03 24.31
N GLN A 35 -16.88 -35.88 25.53
CA GLN A 35 -17.61 -35.15 26.54
C GLN A 35 -17.60 -33.65 26.28
N VAL A 36 -16.44 -33.11 25.90
CA VAL A 36 -16.32 -31.67 25.67
C VAL A 36 -17.18 -31.24 24.49
N PHE A 37 -17.14 -31.99 23.39
CA PHE A 37 -17.97 -31.65 22.24
C PHE A 37 -19.45 -31.68 22.59
N LYS A 38 -19.88 -32.70 23.32
CA LYS A 38 -21.28 -32.81 23.70
C LYS A 38 -21.69 -31.66 24.62
N ALA A 39 -20.84 -31.31 25.58
CA ALA A 39 -21.14 -30.21 26.49
C ALA A 39 -21.23 -28.88 25.74
N LEU A 40 -20.29 -28.65 24.82
CA LEU A 40 -20.33 -27.42 24.02
C LEU A 40 -21.59 -27.36 23.18
N ALA A 41 -21.97 -28.47 22.54
CA ALA A 41 -23.20 -28.48 21.76
C ALA A 41 -24.42 -28.24 22.64
N ASN A 42 -24.43 -28.80 23.84
CA ASN A 42 -25.56 -28.61 24.74
C ASN A 42 -25.68 -27.15 25.16
N VAL A 43 -24.57 -26.54 25.60
CA VAL A 43 -24.64 -25.15 26.03
C VAL A 43 -24.87 -24.21 24.87
N ALA A 44 -24.56 -24.64 23.64
CA ALA A 44 -24.95 -23.86 22.47
C ALA A 44 -26.45 -23.99 22.20
N LEU A 45 -27.02 -25.17 22.49
CA LEU A 45 -28.43 -25.41 22.27
C LEU A 45 -29.32 -24.89 23.40
N GLN A 46 -28.76 -24.63 24.57
CA GLN A 46 -29.53 -24.14 25.71
C GLN A 46 -29.89 -22.67 25.47
N HIS A 47 -31.14 -22.43 25.07
CA HIS A 47 -31.60 -21.05 24.85
C HIS A 47 -31.54 -20.21 26.13
N GLU A 48 -31.57 -20.85 27.30
CA GLU A 48 -31.52 -20.11 28.56
C GLU A 48 -30.15 -19.52 28.83
N ALA A 49 -29.11 -20.01 28.15
CA ALA A 49 -27.76 -19.51 28.37
C ALA A 49 -27.59 -18.12 27.74
N SER A 50 -26.67 -17.35 28.32
CA SER A 50 -26.39 -16.02 27.80
C SER A 50 -25.86 -16.10 26.37
N LEU A 51 -26.19 -15.08 25.57
CA LEU A 51 -25.81 -15.09 24.16
C LEU A 51 -24.29 -15.14 24.01
N GLU A 52 -23.56 -14.41 24.86
CA GLU A 52 -22.11 -14.44 24.79
C GLU A 52 -21.57 -15.85 25.02
N SER A 53 -22.18 -16.59 25.96
CA SER A 53 -21.71 -17.94 26.24
C SER A 53 -22.05 -18.91 25.12
N ARG A 54 -23.24 -18.77 24.53
CA ARG A 54 -23.59 -19.62 23.38
C ARG A 54 -22.66 -19.36 22.20
N GLN A 55 -22.37 -18.08 21.93
CA GLN A 55 -21.48 -17.75 20.82
C GLN A 55 -20.05 -18.23 21.08
N PHE A 56 -19.57 -18.09 22.32
CA PHE A 56 -18.25 -18.63 22.64
C PHE A 56 -18.23 -20.14 22.52
N ALA A 57 -19.32 -20.81 22.91
CA ALA A 57 -19.40 -22.26 22.75
C ALA A 57 -19.28 -22.65 21.28
N LEU A 58 -20.02 -21.97 20.41
CA LEU A 58 -19.94 -22.29 18.99
C LEU A 58 -18.56 -22.01 18.41
N LEU A 59 -17.96 -20.87 18.77
CA LEU A 59 -16.66 -20.53 18.22
C LEU A 59 -15.54 -21.39 18.79
N SER A 60 -15.70 -21.94 19.98
CA SER A 60 -14.75 -22.91 20.50
C SER A 60 -14.95 -24.27 19.84
N LEU A 61 -16.20 -24.66 19.59
CA LEU A 61 -16.47 -25.90 18.87
C LEU A 61 -15.87 -25.86 17.48
N ARG A 62 -15.91 -24.68 16.83
CA ARG A 62 -15.25 -24.53 15.54
C ARG A 62 -13.77 -24.86 15.61
N LYS A 63 -13.08 -24.40 16.66
CA LYS A 63 -11.65 -24.66 16.76
C LYS A 63 -11.39 -26.12 17.10
N LEU A 64 -12.16 -26.67 18.03
CA LEU A 64 -11.99 -28.07 18.42
C LEU A 64 -12.25 -29.02 17.25
N ILE A 65 -13.18 -28.66 16.36
CA ILE A 65 -13.40 -29.45 15.15
C ILE A 65 -12.16 -29.44 14.27
N THR A 66 -11.46 -28.32 14.21
CA THR A 66 -10.27 -28.23 13.38
C THR A 66 -9.16 -29.15 13.87
N MET A 67 -9.21 -29.57 15.13
CA MET A 67 -8.13 -30.33 15.75
C MET A 67 -8.45 -31.80 16.00
N TYR A 68 -9.70 -32.13 16.36
CA TYR A 68 -10.05 -33.47 16.76
C TYR A 68 -11.17 -34.12 15.95
N TRP A 69 -11.57 -33.52 14.82
CA TRP A 69 -12.64 -34.12 14.03
C TRP A 69 -12.20 -35.43 13.40
N SER A 70 -11.27 -35.38 12.46
CA SER A 70 -10.85 -36.54 11.70
C SER A 70 -9.54 -36.21 11.01
N PRO A 71 -8.77 -37.21 10.58
CA PRO A 71 -7.56 -36.92 9.81
C PRO A 71 -7.92 -36.26 8.48
N GLY A 72 -6.87 -35.77 7.82
CA GLY A 72 -7.03 -34.94 6.63
C GLY A 72 -6.91 -33.46 6.88
N PHE A 73 -7.11 -33.00 8.12
CA PHE A 73 -6.76 -31.63 8.47
C PHE A 73 -5.24 -31.48 8.55
N GLU A 74 -4.74 -30.32 8.13
CA GLU A 74 -3.32 -30.05 8.24
C GLU A 74 -2.86 -29.86 9.68
N SER A 75 -3.80 -29.66 10.61
CA SER A 75 -3.48 -29.49 12.02
C SER A 75 -4.19 -30.51 12.90
N TYR A 76 -4.62 -31.63 12.32
CA TYR A 76 -5.28 -32.67 13.10
C TYR A 76 -4.35 -33.24 14.17
N ARG A 77 -4.86 -33.34 15.39
CA ARG A 77 -4.08 -33.83 16.52
C ARG A 77 -4.42 -35.29 16.77
N SER A 78 -3.40 -36.11 17.00
CA SER A 78 -3.58 -37.53 17.21
C SER A 78 -4.32 -37.81 18.52
N THR A 79 -4.76 -39.05 18.66
CA THR A 79 -5.43 -39.54 19.86
C THR A 79 -6.74 -38.79 20.11
N SER A 80 -7.55 -38.67 19.05
CA SER A 80 -8.88 -38.10 19.20
C SER A 80 -9.80 -39.11 19.89
N ASN A 81 -10.97 -38.61 20.31
CA ASN A 81 -11.96 -39.47 20.95
C ASN A 81 -13.38 -39.18 20.45
N VAL A 82 -13.50 -38.57 19.28
CA VAL A 82 -14.81 -38.18 18.75
C VAL A 82 -15.40 -39.34 17.96
N GLU A 83 -16.11 -40.24 18.65
CA GLU A 83 -16.77 -41.34 17.99
C GLU A 83 -17.94 -40.82 17.15
N ILE A 84 -18.39 -41.65 16.21
CA ILE A 84 -19.44 -41.25 15.28
C ILE A 84 -20.71 -40.85 16.02
N ASP A 85 -20.96 -41.44 17.19
CA ASP A 85 -22.15 -41.10 17.95
C ASP A 85 -22.17 -39.63 18.37
N VAL A 86 -20.99 -39.03 18.56
CA VAL A 86 -20.93 -37.62 18.92
C VAL A 86 -21.04 -36.74 17.67
N LYS A 87 -20.41 -37.17 16.58
CA LYS A 87 -20.50 -36.41 15.33
C LYS A 87 -21.94 -36.32 14.84
N ASP A 88 -22.65 -37.45 14.88
CA ASP A 88 -24.05 -37.45 14.44
C ASP A 88 -24.91 -36.51 15.30
N PHE A 89 -24.62 -36.45 16.60
CA PHE A 89 -25.36 -35.54 17.47
C PHE A 89 -25.07 -34.09 17.13
N ILE A 90 -23.78 -33.73 17.05
CA ILE A 90 -23.45 -32.31 16.90
C ILE A 90 -23.75 -31.82 15.50
N ARG A 91 -23.72 -32.69 14.49
CA ARG A 91 -24.19 -32.29 13.17
C ARG A 91 -25.65 -31.90 13.19
N GLU A 92 -26.48 -32.69 13.88
CA GLU A 92 -27.90 -32.36 14.00
C GLU A 92 -28.09 -31.08 14.78
N VAL A 93 -27.30 -30.88 15.85
CA VAL A 93 -27.40 -29.64 16.62
C VAL A 93 -27.07 -28.44 15.74
N LEU A 94 -26.02 -28.57 14.92
CA LEU A 94 -25.61 -27.46 14.07
C LEU A 94 -26.65 -27.17 12.98
N LEU A 95 -27.18 -28.21 12.35
CA LEU A 95 -28.18 -28.00 11.30
C LEU A 95 -29.56 -27.68 11.88
N LYS A 96 -29.70 -27.71 13.19
CA LYS A 96 -30.89 -27.16 13.84
C LYS A 96 -30.68 -25.69 14.17
N LEU A 97 -29.50 -25.34 14.69
CA LEU A 97 -29.20 -23.95 15.02
C LEU A 97 -29.16 -23.07 13.77
N CYS A 98 -28.55 -23.57 12.70
CA CYS A 98 -28.27 -22.73 11.54
C CYS A 98 -29.50 -22.33 10.75
N LEU A 99 -30.67 -22.94 11.03
CA LEU A 99 -31.87 -22.58 10.29
C LEU A 99 -33.08 -22.36 11.19
N ASN A 100 -32.90 -22.36 12.52
CA ASN A 100 -33.97 -21.99 13.43
C ASN A 100 -34.14 -20.47 13.35
N ASP A 101 -35.26 -20.04 12.76
CA ASP A 101 -35.47 -18.61 12.51
C ASP A 101 -35.53 -17.79 13.80
N ASN A 102 -35.84 -18.42 14.94
CA ASN A 102 -35.92 -17.71 16.20
C ASN A 102 -34.54 -17.38 16.78
N GLU A 103 -33.50 -18.10 16.36
CA GLU A 103 -32.17 -17.88 16.90
C GLU A 103 -31.62 -16.52 16.48
N ASN A 104 -30.86 -15.90 17.39
CA ASN A 104 -30.22 -14.63 17.08
C ASN A 104 -29.18 -14.82 15.97
N THR A 105 -28.96 -13.75 15.21
CA THR A 105 -28.09 -13.82 14.04
C THR A 105 -26.69 -14.32 14.38
N LYS A 106 -26.17 -13.96 15.57
CA LYS A 106 -24.82 -14.38 15.94
C LYS A 106 -24.73 -15.89 16.10
N ILE A 107 -25.75 -16.53 16.69
CA ILE A 107 -25.72 -17.98 16.86
C ILE A 107 -25.86 -18.67 15.51
N LYS A 108 -26.71 -18.16 14.63
CA LYS A 108 -26.81 -18.72 13.29
C LYS A 108 -25.49 -18.60 12.54
N ASN A 109 -24.80 -17.46 12.69
CA ASN A 109 -23.50 -17.28 12.04
C ASN A 109 -22.48 -18.28 12.59
N GLY A 110 -22.44 -18.45 13.92
CA GLY A 110 -21.54 -19.41 14.49
C GLY A 110 -21.82 -20.84 14.02
N ALA A 111 -23.10 -21.21 13.96
CA ALA A 111 -23.45 -22.54 13.49
C ALA A 111 -23.07 -22.74 12.04
N SER A 112 -23.31 -21.73 11.20
CA SER A 112 -22.90 -21.83 9.80
C SER A 112 -21.39 -21.94 9.66
N TYR A 113 -20.64 -21.24 10.51
CA TYR A 113 -19.18 -21.32 10.46
C TYR A 113 -18.73 -22.74 10.84
N CYS A 114 -19.33 -23.31 11.88
CA CYS A 114 -18.99 -24.67 12.27
C CYS A 114 -19.34 -25.67 11.17
N ILE A 115 -20.50 -25.49 10.53
CA ILE A 115 -20.88 -26.37 9.42
C ILE A 115 -19.88 -26.26 8.27
N VAL A 116 -19.45 -25.05 7.95
CA VAL A 116 -18.45 -24.86 6.90
C VAL A 116 -17.15 -25.56 7.28
N GLN A 117 -16.74 -25.46 8.55
CA GLN A 117 -15.50 -26.10 8.98
C GLN A 117 -15.60 -27.62 8.85
N ILE A 118 -16.74 -28.19 9.26
CA ILE A 118 -16.95 -29.63 9.10
C ILE A 118 -16.92 -30.00 7.62
N SER A 119 -17.62 -29.22 6.79
CA SER A 119 -17.72 -29.48 5.36
C SER A 119 -16.41 -29.27 4.62
N ALA A 120 -15.41 -28.67 5.27
CA ALA A 120 -14.11 -28.59 4.64
C ALA A 120 -13.47 -29.96 4.44
N VAL A 121 -13.94 -30.98 5.16
CA VAL A 121 -13.45 -32.35 4.97
C VAL A 121 -14.60 -33.31 4.65
N ASP A 122 -15.72 -33.19 5.38
CA ASP A 122 -16.78 -34.18 5.30
C ASP A 122 -17.76 -33.95 4.15
N PHE A 123 -17.51 -32.97 3.28
CA PHE A 123 -18.46 -32.62 2.25
C PHE A 123 -17.95 -33.01 0.87
N PRO A 124 -18.83 -33.49 -0.02
CA PRO A 124 -20.21 -33.88 0.29
C PRO A 124 -20.36 -35.35 0.62
N ASP A 125 -19.35 -36.15 0.26
CA ASP A 125 -19.49 -37.60 0.24
C ASP A 125 -19.79 -38.20 1.62
N GLN A 126 -19.31 -37.57 2.70
CA GLN A 126 -19.58 -38.10 4.04
C GLN A 126 -20.89 -37.61 4.63
N TRP A 127 -21.45 -36.51 4.14
CA TRP A 127 -22.64 -35.89 4.76
C TRP A 127 -23.63 -35.44 3.69
N PRO A 128 -24.23 -36.39 2.96
CA PRO A 128 -25.28 -36.02 2.00
C PRO A 128 -26.51 -35.41 2.66
N GLN A 129 -26.75 -35.70 3.94
CA GLN A 129 -27.91 -35.14 4.63
C GLN A 129 -27.85 -33.61 4.66
N LEU A 130 -26.66 -33.04 4.69
CA LEU A 130 -26.50 -31.59 4.64
C LEU A 130 -27.16 -31.02 3.39
N LEU A 131 -26.78 -31.54 2.23
CA LEU A 131 -27.35 -31.06 0.97
C LEU A 131 -28.83 -31.40 0.88
N THR A 132 -29.24 -32.57 1.37
CA THR A 132 -30.66 -32.92 1.31
C THR A 132 -31.50 -31.94 2.11
N VAL A 133 -31.05 -31.59 3.32
CA VAL A 133 -31.82 -30.68 4.16
C VAL A 133 -31.81 -29.27 3.57
N ILE A 134 -30.67 -28.81 3.05
CA ILE A 134 -30.63 -27.48 2.46
C ILE A 134 -31.57 -27.38 1.26
N TYR A 135 -31.49 -28.36 0.35
CA TYR A 135 -32.34 -28.30 -0.82
C TYR A 135 -33.82 -28.42 -0.45
N ASP A 136 -34.14 -29.26 0.54
CA ASP A 136 -35.52 -29.39 0.98
C ASP A 136 -36.03 -28.05 1.52
N ALA A 137 -35.25 -27.44 2.42
CA ALA A 137 -35.68 -26.17 3.02
C ALA A 137 -35.81 -25.07 1.99
N ILE A 138 -34.90 -24.99 1.02
CA ILE A 138 -34.98 -23.94 0.01
C ILE A 138 -36.17 -24.15 -0.91
N SER A 139 -36.32 -25.36 -1.45
CA SER A 139 -37.31 -25.59 -2.48
C SER A 139 -38.73 -25.69 -1.92
N HIS A 140 -38.90 -26.19 -0.71
CA HIS A 140 -40.23 -26.39 -0.14
C HIS A 140 -40.65 -25.30 0.83
N GLN A 141 -39.71 -24.67 1.53
CA GLN A 141 -40.05 -23.68 2.54
C GLN A 141 -39.47 -22.30 2.26
N HIS A 142 -38.64 -22.14 1.23
CA HIS A 142 -37.98 -20.87 0.92
C HIS A 142 -37.31 -20.29 2.15
N SER A 143 -36.64 -21.14 2.93
CA SER A 143 -35.99 -20.72 4.17
C SER A 143 -34.69 -20.01 3.79
N LEU A 144 -34.69 -18.68 3.88
CA LEU A 144 -33.52 -17.91 3.51
C LEU A 144 -32.31 -18.19 4.40
N ASN A 145 -32.54 -18.74 5.60
CA ASN A 145 -31.42 -19.18 6.42
C ASN A 145 -30.62 -20.27 5.72
N ALA A 146 -31.32 -21.25 5.15
CA ALA A 146 -30.64 -22.31 4.40
C ALA A 146 -29.96 -21.76 3.16
N MET A 147 -30.55 -20.76 2.51
CA MET A 147 -29.91 -20.14 1.35
C MET A 147 -28.63 -19.43 1.75
N SER A 148 -28.65 -18.72 2.88
CA SER A 148 -27.42 -18.09 3.38
C SER A 148 -26.38 -19.14 3.73
N LEU A 149 -26.81 -20.25 4.34
CA LEU A 149 -25.88 -21.33 4.66
C LEU A 149 -25.22 -21.88 3.40
N LEU A 150 -26.02 -22.13 2.36
CA LEU A 150 -25.47 -22.65 1.11
C LEU A 150 -24.55 -21.62 0.45
N ASN A 151 -24.90 -20.34 0.53
CA ASN A 151 -24.05 -19.30 -0.04
C ASN A 151 -22.70 -19.26 0.66
N GLU A 152 -22.70 -19.36 1.99
CA GLU A 152 -21.43 -19.38 2.71
C GLU A 152 -20.68 -20.69 2.45
N ILE A 153 -21.40 -21.78 2.16
CA ILE A 153 -20.73 -23.03 1.82
C ILE A 153 -20.00 -22.91 0.49
N TYR A 154 -20.62 -22.26 -0.50
CA TYR A 154 -19.94 -22.06 -1.78
C TYR A 154 -18.73 -21.15 -1.65
N ASP A 155 -18.78 -20.19 -0.72
CA ASP A 155 -17.68 -19.26 -0.56
C ASP A 155 -16.40 -19.98 -0.15
N ASP A 156 -16.46 -20.80 0.90
CA ASP A 156 -15.24 -21.28 1.54
C ASP A 156 -14.77 -22.63 0.98
N VAL A 157 -15.65 -23.62 0.91
CA VAL A 157 -15.23 -25.00 0.77
C VAL A 157 -15.52 -25.61 -0.59
N VAL A 158 -16.55 -25.15 -1.31
CA VAL A 158 -16.91 -25.76 -2.58
C VAL A 158 -15.88 -25.38 -3.65
N SER A 159 -15.47 -26.37 -4.43
CA SER A 159 -14.49 -26.18 -5.49
C SER A 159 -15.09 -26.64 -6.81
N GLU A 160 -14.43 -26.25 -7.90
CA GLU A 160 -14.99 -26.48 -9.23
C GLU A 160 -15.13 -27.96 -9.56
N GLU A 161 -14.25 -28.80 -9.01
CA GLU A 161 -14.39 -30.25 -9.21
C GLU A 161 -15.71 -30.75 -8.62
N MET A 162 -16.07 -30.26 -7.43
CA MET A 162 -17.38 -30.59 -6.87
C MET A 162 -18.51 -29.93 -7.65
N PHE A 163 -18.26 -28.73 -8.19
CA PHE A 163 -19.34 -27.96 -8.81
C PHE A 163 -19.76 -28.57 -10.15
N PHE A 164 -18.79 -28.93 -11.00
CA PHE A 164 -19.11 -29.37 -12.35
C PHE A 164 -19.32 -30.88 -12.45
N GLU A 165 -18.35 -31.66 -11.96
CA GLU A 165 -18.49 -33.12 -12.04
C GLU A 165 -19.46 -33.64 -10.99
N GLY A 166 -19.48 -33.04 -9.81
CA GLY A 166 -20.43 -33.41 -8.79
C GLY A 166 -21.84 -32.91 -9.12
N GLY A 167 -22.78 -33.33 -8.27
CA GLY A 167 -24.17 -32.93 -8.44
C GLY A 167 -24.48 -31.53 -7.95
N ILE A 168 -23.50 -30.83 -7.36
CA ILE A 168 -23.75 -29.53 -6.73
C ILE A 168 -24.28 -28.54 -7.75
N GLY A 169 -23.62 -28.43 -8.90
CA GLY A 169 -23.92 -27.38 -9.85
C GLY A 169 -25.31 -27.45 -10.44
N LEU A 170 -25.66 -28.59 -11.04
CA LEU A 170 -26.96 -28.72 -11.69
C LEU A 170 -28.10 -28.57 -10.68
N ALA A 171 -27.97 -29.23 -9.52
CA ALA A 171 -29.03 -29.18 -8.52
C ALA A 171 -29.20 -27.76 -8.00
N THR A 172 -28.10 -27.08 -7.68
CA THR A 172 -28.19 -25.72 -7.17
C THR A 172 -28.78 -24.78 -8.21
N MET A 173 -28.36 -24.92 -9.46
CA MET A 173 -28.87 -24.04 -10.51
C MET A 173 -30.37 -24.26 -10.70
N GLU A 174 -30.80 -25.51 -10.71
CA GLU A 174 -32.22 -25.82 -10.84
C GLU A 174 -33.03 -25.23 -9.68
N ILE A 175 -32.51 -25.38 -8.45
CA ILE A 175 -33.22 -24.85 -7.29
C ILE A 175 -33.32 -23.34 -7.36
N VAL A 176 -32.22 -22.67 -7.71
CA VAL A 176 -32.22 -21.21 -7.80
C VAL A 176 -33.21 -20.74 -8.86
N PHE A 177 -33.20 -21.40 -10.03
CA PHE A 177 -34.15 -21.03 -11.07
C PHE A 177 -35.59 -21.25 -10.62
N LYS A 178 -35.85 -22.35 -9.91
CA LYS A 178 -37.20 -22.60 -9.41
C LYS A 178 -37.64 -21.53 -8.43
N VAL A 179 -36.73 -21.08 -7.56
CA VAL A 179 -37.08 -20.04 -6.60
C VAL A 179 -37.34 -18.72 -7.30
N LEU A 180 -36.50 -18.36 -8.27
CA LEU A 180 -36.68 -17.08 -8.96
C LEU A 180 -37.94 -17.07 -9.82
N ASN A 181 -38.26 -18.19 -10.47
CA ASN A 181 -39.39 -18.21 -11.39
C ASN A 181 -40.72 -18.04 -10.68
N THR A 182 -40.84 -18.55 -9.45
CA THR A 182 -42.11 -18.49 -8.74
C THR A 182 -42.33 -17.10 -8.15
N GLU A 183 -43.49 -16.51 -8.46
CA GLU A 183 -43.84 -15.22 -7.90
C GLU A 183 -44.21 -15.30 -6.43
N THR A 184 -44.53 -16.51 -5.93
CA THR A 184 -44.94 -16.66 -4.53
C THR A 184 -43.77 -16.37 -3.58
N SER A 185 -42.55 -16.69 -3.98
CA SER A 185 -41.40 -16.49 -3.13
C SER A 185 -41.22 -15.00 -2.81
N THR A 186 -40.96 -14.69 -1.55
CA THR A 186 -40.84 -13.31 -1.10
C THR A 186 -39.61 -12.65 -1.73
N LEU A 187 -39.61 -11.32 -1.65
CA LEU A 187 -38.52 -10.55 -2.26
C LEU A 187 -37.18 -10.87 -1.61
N ILE A 188 -37.17 -11.07 -0.28
CA ILE A 188 -35.93 -11.43 0.40
C ILE A 188 -35.44 -12.79 -0.06
N ALA A 189 -36.37 -13.72 -0.29
CA ALA A 189 -35.98 -15.01 -0.86
C ALA A 189 -35.37 -14.84 -2.24
N LYS A 190 -35.93 -13.94 -3.05
CA LYS A 190 -35.36 -13.67 -4.36
C LYS A 190 -33.95 -13.09 -4.23
N ILE A 191 -33.74 -12.20 -3.26
CA ILE A 191 -32.41 -11.63 -3.04
C ILE A 191 -31.42 -12.71 -2.66
N ALA A 192 -31.82 -13.61 -1.76
CA ALA A 192 -30.93 -14.71 -1.38
C ALA A 192 -30.63 -15.63 -2.56
N ALA A 193 -31.64 -15.91 -3.39
CA ALA A 193 -31.43 -16.74 -4.56
C ALA A 193 -30.48 -16.07 -5.54
N LEU A 194 -30.61 -14.76 -5.71
CA LEU A 194 -29.67 -14.04 -6.59
C LEU A 194 -28.26 -14.02 -6.03
N LYS A 195 -28.12 -13.99 -4.71
CA LYS A 195 -26.78 -14.11 -4.12
C LYS A 195 -26.20 -15.49 -4.38
N LEU A 196 -27.03 -16.52 -4.29
CA LEU A 196 -26.58 -17.86 -4.67
C LEU A 196 -26.19 -17.91 -6.14
N LEU A 197 -26.96 -17.24 -6.99
CA LEU A 197 -26.63 -17.14 -8.41
C LEU A 197 -25.28 -16.47 -8.61
N LYS A 198 -25.02 -15.40 -7.87
CA LYS A 198 -23.72 -14.73 -7.96
C LYS A 198 -22.59 -15.68 -7.55
N ALA A 199 -22.80 -16.46 -6.48
CA ALA A 199 -21.77 -17.41 -6.07
C ALA A 199 -21.54 -18.48 -7.13
N CYS A 200 -22.62 -18.96 -7.77
CA CYS A 200 -22.46 -19.94 -8.84
C CYS A 200 -21.73 -19.35 -10.04
N LEU A 201 -22.04 -18.10 -10.39
CA LEU A 201 -21.32 -17.45 -11.48
C LEU A 201 -19.85 -17.28 -11.14
N LEU A 202 -19.53 -16.94 -9.88
CA LEU A 202 -18.13 -16.85 -9.49
C LEU A 202 -17.44 -18.21 -9.59
N GLN A 203 -18.14 -19.29 -9.24
CA GLN A 203 -17.58 -20.63 -9.43
C GLN A 203 -17.31 -20.90 -10.91
N MET A 204 -18.27 -20.57 -11.77
CA MET A 204 -18.09 -20.79 -13.21
C MET A 204 -16.99 -19.90 -13.79
N SER A 205 -16.70 -18.78 -13.15
CA SER A 205 -15.74 -17.81 -13.67
C SER A 205 -14.33 -17.99 -13.13
N SER A 206 -14.17 -18.65 -11.98
CA SER A 206 -12.83 -18.80 -11.42
C SER A 206 -11.92 -19.59 -12.36
N HIS A 207 -12.39 -20.73 -12.85
CA HIS A 207 -11.70 -21.40 -13.94
C HIS A 207 -12.09 -20.79 -15.28
N ASN A 208 -11.14 -20.78 -16.21
CA ASN A 208 -11.37 -20.22 -17.54
C ASN A 208 -10.53 -21.01 -18.54
N GLU A 209 -10.80 -20.77 -19.82
CA GLU A 209 -10.25 -21.57 -20.92
C GLU A 209 -10.57 -23.05 -20.70
N TYR A 210 -11.86 -23.34 -20.64
CA TYR A 210 -12.32 -24.71 -20.42
C TYR A 210 -12.03 -25.57 -21.63
N ASP A 211 -11.88 -26.88 -21.38
CA ASP A 211 -11.54 -27.84 -22.42
C ASP A 211 -12.38 -29.10 -22.31
N GLU A 212 -13.63 -28.96 -21.86
CA GLU A 212 -14.50 -30.11 -21.65
C GLU A 212 -15.92 -29.71 -22.04
N ALA A 213 -16.45 -30.38 -23.07
CA ALA A 213 -17.80 -30.05 -23.54
C ALA A 213 -18.86 -30.29 -22.48
N SER A 214 -18.60 -31.19 -21.52
CA SER A 214 -19.55 -31.44 -20.46
C SER A 214 -19.79 -30.21 -19.61
N ARG A 215 -18.81 -29.30 -19.55
CA ARG A 215 -18.95 -28.05 -18.80
C ARG A 215 -19.51 -26.92 -19.67
N LYS A 216 -18.98 -26.78 -20.89
CA LYS A 216 -19.34 -25.65 -21.75
C LYS A 216 -20.85 -25.60 -22.00
N SER A 217 -21.44 -26.75 -22.34
CA SER A 217 -22.88 -26.77 -22.61
C SER A 217 -23.68 -26.41 -21.36
N PHE A 218 -23.27 -26.96 -20.20
CA PHE A 218 -23.96 -26.66 -18.95
C PHE A 218 -23.85 -25.18 -18.61
N VAL A 219 -22.65 -24.60 -18.76
CA VAL A 219 -22.46 -23.18 -18.49
C VAL A 219 -23.33 -22.34 -19.42
N SER A 220 -23.33 -22.66 -20.72
CA SER A 220 -24.11 -21.89 -21.67
C SER A 220 -25.60 -21.96 -21.36
N GLN A 221 -26.11 -23.15 -21.05
CA GLN A 221 -27.52 -23.29 -20.72
C GLN A 221 -27.87 -22.50 -19.47
N CYS A 222 -27.03 -22.58 -18.43
CA CYS A 222 -27.30 -21.84 -17.20
C CYS A 222 -27.25 -20.35 -17.44
N LEU A 223 -26.33 -19.88 -18.28
CA LEU A 223 -26.25 -18.46 -18.59
C LEU A 223 -27.48 -17.98 -19.32
N ALA A 224 -27.94 -18.74 -20.32
CA ALA A 224 -29.14 -18.35 -21.05
C ALA A 224 -30.34 -18.29 -20.11
N THR A 225 -30.49 -19.30 -19.25
CA THR A 225 -31.61 -19.32 -18.32
C THR A 225 -31.53 -18.16 -17.34
N SER A 226 -30.33 -17.89 -16.81
CA SER A 226 -30.16 -16.82 -15.84
C SER A 226 -30.44 -15.46 -16.47
N LEU A 227 -29.98 -15.23 -17.70
CA LEU A 227 -30.26 -13.96 -18.36
C LEU A 227 -31.75 -13.79 -18.63
N GLN A 228 -32.42 -14.86 -19.07
CA GLN A 228 -33.87 -14.79 -19.27
C GLN A 228 -34.58 -14.45 -17.96
N ILE A 229 -34.16 -15.10 -16.87
CA ILE A 229 -34.82 -14.87 -15.58
C ILE A 229 -34.56 -13.46 -15.08
N LEU A 230 -33.33 -12.96 -15.23
CA LEU A 230 -33.04 -11.59 -14.82
C LEU A 230 -33.84 -10.59 -15.65
N GLY A 231 -34.01 -10.84 -16.95
CA GLY A 231 -34.87 -9.97 -17.74
C GLY A 231 -36.31 -10.00 -17.26
N GLN A 232 -36.81 -11.19 -16.90
CA GLN A 232 -38.18 -11.28 -16.39
C GLN A 232 -38.33 -10.54 -15.07
N LEU A 233 -37.35 -10.70 -14.16
CA LEU A 233 -37.40 -10.00 -12.88
C LEU A 233 -37.34 -8.49 -13.07
N LEU A 234 -36.47 -8.01 -13.96
CA LEU A 234 -36.43 -6.58 -14.23
C LEU A 234 -37.72 -6.09 -14.90
N THR A 235 -38.44 -6.97 -15.59
CA THR A 235 -39.75 -6.61 -16.12
C THR A 235 -40.85 -6.71 -15.08
N LEU A 236 -40.60 -7.39 -13.95
CA LEU A 236 -41.54 -7.45 -12.86
C LEU A 236 -41.56 -6.12 -12.10
N ASN A 237 -42.67 -5.86 -11.41
CA ASN A 237 -42.87 -4.58 -10.73
C ASN A 237 -43.36 -4.83 -9.31
N PHE A 238 -43.28 -3.79 -8.48
CA PHE A 238 -43.61 -3.87 -7.07
C PHE A 238 -44.46 -2.69 -6.67
N GLY A 239 -45.19 -2.85 -5.57
CA GLY A 239 -46.06 -1.80 -5.05
C GLY A 239 -45.34 -0.64 -4.40
N ASN A 240 -44.01 -0.67 -4.34
CA ASN A 240 -43.20 0.42 -3.78
C ASN A 240 -43.55 0.70 -2.33
N VAL A 241 -43.87 -0.35 -1.57
CA VAL A 241 -44.08 -0.25 -0.13
C VAL A 241 -42.89 -0.77 0.66
N ASP A 242 -41.89 -1.33 -0.02
CA ASP A 242 -40.72 -1.89 0.64
C ASP A 242 -39.48 -1.45 -0.13
N VAL A 243 -39.40 -0.15 -0.43
CA VAL A 243 -38.49 0.36 -1.46
C VAL A 243 -37.04 0.01 -1.17
N ILE A 244 -36.66 -0.10 0.10
CA ILE A 244 -35.28 -0.48 0.41
C ILE A 244 -35.00 -1.90 -0.07
N SER A 245 -35.97 -2.80 0.08
CA SER A 245 -35.78 -4.17 -0.41
C SER A 245 -35.77 -4.21 -1.93
N GLN A 246 -36.59 -3.38 -2.57
CA GLN A 246 -36.53 -3.29 -4.03
C GLN A 246 -35.18 -2.74 -4.49
N LEU A 247 -34.63 -1.78 -3.75
CA LEU A 247 -33.32 -1.26 -4.09
C LEU A 247 -32.24 -2.32 -3.96
N LYS A 248 -32.29 -3.13 -2.89
CA LYS A 248 -31.34 -4.22 -2.75
C LYS A 248 -31.52 -5.26 -3.86
N PHE A 249 -32.76 -5.54 -4.24
CA PHE A 249 -33.06 -6.47 -5.31
C PHE A 249 -32.44 -6.01 -6.62
N LYS A 250 -32.66 -4.75 -6.99
CA LYS A 250 -32.07 -4.23 -8.22
C LYS A 250 -30.55 -4.18 -8.13
N SER A 251 -30.02 -3.84 -6.94
CA SER A 251 -28.58 -3.79 -6.77
C SER A 251 -27.94 -5.15 -7.04
N ILE A 252 -28.51 -6.21 -6.47
CA ILE A 252 -27.93 -7.53 -6.69
C ILE A 252 -28.17 -8.00 -8.12
N ILE A 253 -29.29 -7.62 -8.75
CA ILE A 253 -29.51 -7.99 -10.14
C ILE A 253 -28.43 -7.39 -11.03
N TYR A 254 -28.20 -6.09 -10.92
CA TYR A 254 -27.16 -5.49 -11.75
C TYR A 254 -25.76 -5.90 -11.33
N GLU A 255 -25.54 -6.29 -10.08
CA GLU A 255 -24.25 -6.91 -9.75
C GLU A 255 -24.06 -8.21 -10.53
N ASN A 256 -25.12 -9.01 -10.64
CA ASN A 256 -25.02 -10.25 -11.41
C ASN A 256 -24.77 -9.95 -12.89
N LEU A 257 -25.49 -8.97 -13.45
CA LEU A 257 -25.29 -8.64 -14.86
C LEU A 257 -23.89 -8.09 -15.12
N VAL A 258 -23.37 -7.23 -14.23
CA VAL A 258 -22.03 -6.72 -14.47
C VAL A 258 -21.01 -7.84 -14.34
N PHE A 259 -21.23 -8.80 -13.44
CA PHE A 259 -20.31 -9.93 -13.35
C PHE A 259 -20.33 -10.76 -14.64
N ILE A 260 -21.53 -11.04 -15.16
CA ILE A 260 -21.63 -11.82 -16.41
C ILE A 260 -20.95 -11.08 -17.55
N LYS A 261 -21.22 -9.77 -17.66
CA LYS A 261 -20.67 -8.99 -18.77
C LYS A 261 -19.14 -8.89 -18.68
N ASN A 262 -18.61 -8.63 -17.49
CA ASN A 262 -17.20 -8.30 -17.36
C ASN A 262 -16.30 -9.52 -17.19
N ASP A 263 -16.82 -10.66 -16.74
CA ASP A 263 -15.95 -11.78 -16.41
C ASP A 263 -16.31 -13.05 -17.17
N PHE A 264 -17.14 -12.94 -18.20
CA PHE A 264 -17.46 -14.07 -19.06
C PHE A 264 -17.20 -13.69 -20.51
N SER A 265 -17.03 -14.72 -21.34
CA SER A 265 -16.83 -14.50 -22.77
C SER A 265 -18.04 -13.82 -23.38
N ARG A 266 -17.79 -12.96 -24.38
CA ARG A 266 -18.85 -12.22 -25.04
C ARG A 266 -19.85 -13.15 -25.72
N LYS A 267 -19.43 -14.37 -26.04
CA LYS A 267 -20.29 -15.28 -26.80
C LYS A 267 -21.60 -15.57 -26.10
N HIS A 268 -21.57 -15.75 -24.77
CA HIS A 268 -22.75 -16.18 -24.03
C HIS A 268 -23.71 -15.04 -23.70
N PHE A 269 -23.32 -13.79 -23.90
CA PHE A 269 -24.14 -12.65 -23.48
C PHE A 269 -24.45 -11.83 -24.73
N SER A 270 -25.56 -12.16 -25.38
CA SER A 270 -25.90 -11.63 -26.70
C SER A 270 -26.04 -10.11 -26.69
N SER A 271 -25.67 -9.50 -27.81
CA SER A 271 -25.76 -8.04 -27.94
C SER A 271 -27.22 -7.56 -27.91
N GLU A 272 -28.16 -8.40 -28.35
CA GLU A 272 -29.57 -8.04 -28.24
C GLU A 272 -29.97 -7.88 -26.79
N LEU A 273 -29.49 -8.78 -25.92
CA LEU A 273 -29.70 -8.62 -24.50
C LEU A 273 -28.97 -7.40 -23.95
N GLN A 274 -27.81 -7.06 -24.52
CA GLN A 274 -27.14 -5.83 -24.14
C GLN A 274 -28.05 -4.63 -24.40
N LYS A 275 -28.62 -4.56 -25.59
CA LYS A 275 -29.50 -3.44 -25.94
C LYS A 275 -30.76 -3.42 -25.08
N GLN A 276 -31.30 -4.59 -24.76
CA GLN A 276 -32.50 -4.62 -23.92
C GLN A 276 -32.21 -4.15 -22.50
N PHE A 277 -31.16 -4.70 -21.88
CA PHE A 277 -30.81 -4.32 -20.52
C PHE A 277 -30.28 -2.89 -20.44
N LYS A 278 -29.77 -2.32 -21.52
CA LYS A 278 -29.44 -0.90 -21.52
C LYS A 278 -30.67 -0.06 -21.26
N ILE A 279 -31.74 -0.29 -22.01
CA ILE A 279 -32.99 0.42 -21.82
C ILE A 279 -33.53 0.15 -20.41
N MET A 280 -33.44 -1.10 -19.97
CA MET A 280 -33.95 -1.44 -18.64
C MET A 280 -33.19 -0.69 -17.55
N ALA A 281 -31.86 -0.62 -17.67
CA ALA A 281 -31.05 0.09 -16.68
C ALA A 281 -31.33 1.59 -16.70
N ILE A 282 -31.58 2.15 -17.88
CA ILE A 282 -31.92 3.57 -17.94
C ILE A 282 -33.25 3.84 -17.25
N GLN A 283 -34.25 2.98 -17.52
CA GLN A 283 -35.52 3.11 -16.82
C GLN A 283 -35.35 2.93 -15.32
N ASP A 284 -34.41 2.08 -14.90
CA ASP A 284 -34.18 1.91 -13.47
C ASP A 284 -33.47 3.10 -12.85
N LEU A 285 -32.59 3.78 -13.60
CA LEU A 285 -32.07 5.06 -13.12
C LEU A 285 -33.20 6.07 -12.94
N GLU A 286 -34.13 6.12 -13.89
CA GLU A 286 -35.25 7.03 -13.75
C GLU A 286 -36.09 6.69 -12.51
N ASN A 287 -36.34 5.41 -12.29
CA ASN A 287 -37.12 4.97 -11.14
C ASN A 287 -36.41 5.30 -9.83
N VAL A 288 -35.10 5.04 -9.77
CA VAL A 288 -34.34 5.33 -8.55
C VAL A 288 -34.30 6.82 -8.29
N THR A 289 -34.21 7.65 -9.33
CA THR A 289 -34.21 9.10 -9.12
C THR A 289 -35.57 9.60 -8.67
N HIS A 290 -36.65 8.97 -9.11
CA HIS A 290 -37.96 9.33 -8.56
C HIS A 290 -38.10 8.86 -7.11
N ILE A 291 -37.56 7.67 -6.79
CA ILE A 291 -37.63 7.16 -5.43
C ILE A 291 -36.84 8.04 -4.47
N ASN A 292 -35.70 8.58 -4.93
CA ASN A 292 -34.84 9.38 -4.07
C ASN A 292 -35.55 10.61 -3.50
N ALA A 293 -36.60 11.09 -4.17
CA ALA A 293 -37.34 12.26 -3.69
C ALA A 293 -38.24 11.93 -2.50
N ASN A 294 -38.43 10.66 -2.18
CA ASN A 294 -39.28 10.28 -1.05
C ASN A 294 -38.61 10.67 0.27
N GLU A 301 -31.88 8.52 6.11
CA GLU A 301 -30.50 8.44 5.65
C GLU A 301 -30.12 7.05 5.09
N PRO A 302 -30.52 5.96 5.74
CA PRO A 302 -30.27 4.64 5.13
C PRO A 302 -30.91 4.47 3.77
N LEU A 303 -32.05 5.13 3.52
CA LEU A 303 -32.67 5.07 2.20
C LEU A 303 -31.77 5.67 1.14
N LEU A 304 -31.24 6.86 1.41
CA LEU A 304 -30.33 7.51 0.46
C LEU A 304 -29.09 6.66 0.21
N GLU A 305 -28.58 6.00 1.26
CA GLU A 305 -27.40 5.16 1.11
C GLU A 305 -27.68 4.00 0.17
N THR A 306 -28.82 3.32 0.34
CA THR A 306 -29.16 2.21 -0.56
C THR A 306 -29.45 2.72 -1.97
N VAL A 307 -30.01 3.92 -2.09
CA VAL A 307 -30.21 4.52 -3.41
C VAL A 307 -28.88 4.69 -4.12
N HIS A 308 -27.88 5.23 -3.42
CA HIS A 308 -26.57 5.40 -4.01
C HIS A 308 -25.91 4.06 -4.34
N ASP A 309 -26.05 3.07 -3.45
CA ASP A 309 -25.46 1.76 -3.72
C ASP A 309 -26.06 1.13 -4.97
N CYS A 310 -27.39 1.21 -5.12
CA CYS A 310 -28.03 0.67 -6.32
C CYS A 310 -27.61 1.44 -7.56
N SER A 311 -27.51 2.78 -7.45
CA SER A 311 -27.11 3.58 -8.60
C SER A 311 -25.69 3.28 -9.02
N ILE A 312 -24.80 2.95 -8.08
CA ILE A 312 -23.43 2.61 -8.44
C ILE A 312 -23.41 1.39 -9.35
N TYR A 313 -24.20 0.36 -9.01
CA TYR A 313 -24.22 -0.84 -9.84
C TYR A 313 -24.89 -0.59 -11.18
N ILE A 314 -25.95 0.23 -11.20
CA ILE A 314 -26.58 0.53 -12.49
C ILE A 314 -25.62 1.27 -13.40
N VAL A 315 -24.91 2.27 -12.86
CA VAL A 315 -23.94 3.01 -13.66
C VAL A 315 -22.79 2.10 -14.09
N GLU A 316 -22.41 1.14 -13.24
CA GLU A 316 -21.39 0.18 -13.64
C GLU A 316 -21.86 -0.66 -14.82
N PHE A 317 -23.13 -1.07 -14.81
CA PHE A 317 -23.66 -1.82 -15.94
C PHE A 317 -23.68 -0.97 -17.20
N LEU A 318 -24.08 0.30 -17.08
CA LEU A 318 -24.05 1.19 -18.23
C LEU A 318 -22.62 1.42 -18.74
N THR A 319 -21.64 1.43 -17.82
CA THR A 319 -20.24 1.54 -18.23
C THR A 319 -19.81 0.33 -19.01
N SER A 320 -20.27 -0.85 -18.61
CA SER A 320 -19.95 -2.07 -19.37
C SER A 320 -20.62 -2.05 -20.74
N VAL A 321 -21.91 -1.70 -20.78
CA VAL A 321 -22.67 -1.62 -22.03
C VAL A 321 -22.21 -0.46 -22.90
N CYS A 322 -21.51 0.53 -22.31
CA CYS A 322 -21.30 1.84 -22.94
C CYS A 322 -20.85 1.76 -24.39
N THR A 323 -20.23 0.64 -24.79
CA THR A 323 -19.82 0.49 -26.19
C THR A 323 -21.01 0.50 -27.14
N LEU A 324 -22.20 0.20 -26.66
CA LEU A 324 -23.40 0.29 -27.48
C LEU A 324 -23.77 1.75 -27.73
N GLN A 325 -24.62 1.96 -28.74
CA GLN A 325 -25.07 3.29 -29.11
C GLN A 325 -26.25 3.71 -28.24
N PHE A 326 -26.22 4.95 -27.75
CA PHE A 326 -27.26 5.48 -26.89
C PHE A 326 -28.15 6.42 -27.71
N SER A 327 -29.45 6.15 -27.70
CA SER A 327 -30.40 7.04 -28.33
C SER A 327 -30.42 8.39 -27.62
N VAL A 328 -30.75 9.44 -28.37
CA VAL A 328 -30.70 10.80 -27.83
C VAL A 328 -31.64 10.95 -26.63
N GLU A 329 -32.81 10.30 -26.67
CA GLU A 329 -33.71 10.36 -25.53
C GLU A 329 -33.18 9.53 -24.37
N GLU A 330 -32.60 8.37 -24.66
CA GLU A 330 -31.95 7.57 -23.62
C GLU A 330 -30.78 8.33 -23.00
N MET A 331 -30.00 9.01 -23.84
CA MET A 331 -28.88 9.81 -23.35
C MET A 331 -29.37 10.95 -22.47
N ASN A 332 -30.45 11.61 -22.87
CA ASN A 332 -31.01 12.67 -22.05
C ASN A 332 -31.54 12.14 -20.72
N LYS A 333 -32.14 10.95 -20.73
CA LYS A 333 -32.58 10.34 -19.47
C LYS A 333 -31.38 10.03 -18.57
N ILE A 334 -30.30 9.53 -19.16
CA ILE A 334 -29.10 9.23 -18.37
C ILE A 334 -28.57 10.50 -17.71
N ILE A 335 -28.49 11.59 -18.49
CA ILE A 335 -28.00 12.86 -17.94
C ILE A 335 -28.93 13.36 -16.84
N THR A 336 -30.24 13.33 -17.10
CA THR A 336 -31.21 13.85 -16.12
C THR A 336 -31.21 13.03 -14.84
N SER A 337 -30.87 11.75 -14.92
CA SER A 337 -30.76 10.94 -13.71
C SER A 337 -29.44 11.15 -13.00
N LEU A 338 -28.34 11.25 -13.74
CA LEU A 338 -27.04 11.44 -13.11
C LEU A 338 -26.93 12.80 -12.45
N THR A 339 -27.62 13.81 -12.95
CA THR A 339 -27.62 15.10 -12.27
C THR A 339 -28.23 14.99 -10.88
N ILE A 340 -29.36 14.30 -10.76
CA ILE A 340 -29.98 14.09 -9.46
C ILE A 340 -29.09 13.20 -8.58
N LEU A 341 -28.41 12.22 -9.18
CA LEU A 341 -27.62 11.29 -8.40
C LEU A 341 -26.25 11.83 -8.03
N CYS A 342 -25.65 12.68 -8.87
CA CYS A 342 -24.33 13.22 -8.57
C CYS A 342 -24.37 14.44 -7.66
N GLN A 343 -25.56 14.94 -7.32
CA GLN A 343 -25.66 16.05 -6.39
C GLN A 343 -25.04 15.69 -5.04
N LEU A 344 -24.28 16.63 -4.49
CA LEU A 344 -23.63 16.40 -3.20
C LEU A 344 -24.67 16.33 -2.09
N SER A 345 -24.55 15.29 -1.26
CA SER A 345 -25.38 15.20 -0.06
C SER A 345 -25.10 16.38 0.86
N SER A 346 -26.14 16.79 1.60
CA SER A 346 -25.98 17.93 2.51
C SER A 346 -24.88 17.68 3.54
N GLU A 347 -24.70 16.43 3.95
CA GLU A 347 -23.62 16.13 4.88
C GLU A 347 -22.25 16.36 4.25
N THR A 348 -22.08 15.96 2.99
CA THR A 348 -20.79 16.19 2.32
C THR A 348 -20.59 17.66 1.99
N ARG A 349 -21.65 18.37 1.63
CA ARG A 349 -21.55 19.81 1.44
C ARG A 349 -21.10 20.50 2.72
N GLU A 350 -21.69 20.11 3.85
CA GLU A 350 -21.31 20.70 5.13
C GLU A 350 -19.87 20.36 5.48
N ILE A 351 -19.46 19.11 5.25
CA ILE A 351 -18.10 18.69 5.58
C ILE A 351 -17.09 19.46 4.74
N TRP A 352 -17.36 19.64 3.45
CA TRP A 352 -16.45 20.38 2.60
C TRP A 352 -16.40 21.85 2.98
N THR A 353 -17.56 22.44 3.28
CA THR A 353 -17.58 23.85 3.69
C THR A 353 -16.80 24.05 4.99
N SER A 354 -16.98 23.16 5.96
CA SER A 354 -16.33 23.31 7.26
C SER A 354 -14.86 22.90 7.22
N ASP A 355 -14.49 21.95 6.37
CA ASP A 355 -13.14 21.40 6.34
C ASP A 355 -12.73 21.19 4.87
N PHE A 356 -12.00 22.15 4.32
CA PHE A 356 -11.55 22.06 2.94
C PHE A 356 -10.58 20.91 2.72
N ASN A 357 -10.00 20.36 3.79
CA ASN A 357 -9.06 19.26 3.64
C ASN A 357 -9.72 18.02 3.05
N THR A 358 -10.99 17.77 3.38
CA THR A 358 -11.72 16.67 2.76
C THR A 358 -11.93 16.93 1.28
N PHE A 359 -12.24 18.18 0.92
CA PHE A 359 -12.34 18.56 -0.49
C PHE A 359 -11.04 18.27 -1.24
N VAL A 360 -9.92 18.68 -0.65
CA VAL A 360 -8.62 18.46 -1.30
C VAL A 360 -8.33 16.97 -1.43
N SER A 361 -8.62 16.20 -0.38
CA SER A 361 -8.41 14.76 -0.43
C SER A 361 -9.24 14.12 -1.54
N LYS A 362 -10.50 14.54 -1.67
CA LYS A 362 -11.38 13.96 -2.68
C LYS A 362 -10.92 14.34 -4.08
N GLU A 363 -10.60 15.62 -4.29
CA GLU A 363 -10.26 16.08 -5.63
C GLU A 363 -8.89 15.59 -6.08
N THR A 364 -7.98 15.35 -5.14
CA THR A 364 -6.68 14.79 -5.48
C THR A 364 -6.77 13.28 -5.75
N GLY A 365 -7.90 12.66 -5.43
CA GLY A 365 -8.06 11.23 -5.63
C GLY A 365 -7.49 10.37 -4.53
N LEU A 366 -7.18 10.96 -3.38
CA LEU A 366 -6.63 10.23 -2.24
C LEU A 366 -7.69 9.91 -1.19
N ALA A 367 -8.95 10.28 -1.41
CA ALA A 367 -9.99 10.10 -0.41
C ALA A 367 -10.39 8.63 -0.30
N ALA A 368 -10.59 8.18 0.93
CA ALA A 368 -11.00 6.80 1.20
C ALA A 368 -12.52 6.69 1.08
N SER A 369 -12.99 6.85 -0.15
CA SER A 369 -14.42 6.80 -0.42
C SER A 369 -14.64 6.46 -1.88
N TYR A 370 -15.85 5.99 -2.19
CA TYR A 370 -16.24 5.69 -3.57
C TYR A 370 -17.75 5.97 -3.69
N ASN A 371 -18.07 7.17 -4.15
CA ASN A 371 -19.46 7.59 -4.28
C ASN A 371 -19.98 7.24 -5.68
N VAL A 372 -21.24 7.60 -5.93
CA VAL A 372 -21.79 7.50 -7.27
C VAL A 372 -21.04 8.40 -8.22
N ARG A 373 -20.48 9.51 -7.71
CA ARG A 373 -19.76 10.45 -8.55
C ARG A 373 -18.55 9.80 -9.22
N ASP A 374 -17.79 8.99 -8.47
CA ASP A 374 -16.64 8.32 -9.06
C ASP A 374 -17.07 7.29 -10.11
N GLN A 375 -18.19 6.61 -9.88
CA GLN A 375 -18.67 5.66 -10.87
C GLN A 375 -19.14 6.38 -12.13
N ALA A 376 -19.75 7.56 -11.98
CA ALA A 376 -20.10 8.37 -13.14
C ALA A 376 -18.84 8.82 -13.88
N ASN A 377 -17.79 9.15 -13.14
CA ASN A 377 -16.52 9.50 -13.77
C ASN A 377 -16.01 8.34 -14.60
N GLU A 378 -16.06 7.12 -14.04
CA GLU A 378 -15.67 5.93 -14.80
C GLU A 378 -16.55 5.74 -16.03
N PHE A 379 -17.85 5.99 -15.89
CA PHE A 379 -18.78 5.83 -17.00
C PHE A 379 -18.43 6.77 -18.15
N PHE A 380 -18.30 8.06 -17.86
CA PHE A 380 -18.00 9.02 -18.92
C PHE A 380 -16.60 8.83 -19.48
N THR A 381 -15.65 8.38 -18.66
CA THR A 381 -14.30 8.12 -19.17
C THR A 381 -14.30 6.99 -20.20
N SER A 382 -15.17 6.00 -20.03
CA SER A 382 -15.17 4.82 -20.88
C SER A 382 -15.97 4.97 -22.17
N LEU A 383 -16.75 6.03 -22.30
CA LEU A 383 -17.61 6.18 -23.47
C LEU A 383 -16.76 6.25 -24.75
N PRO A 384 -17.26 5.75 -25.88
CA PRO A 384 -16.55 5.90 -27.14
C PRO A 384 -16.77 7.28 -27.74
N ASN A 385 -15.99 7.56 -28.79
CA ASN A 385 -15.95 8.91 -29.36
C ASN A 385 -17.31 9.42 -29.85
N PRO A 386 -18.11 8.66 -30.60
CA PRO A 386 -19.41 9.21 -31.03
C PRO A 386 -20.35 9.49 -29.87
N GLN A 387 -20.47 8.56 -28.94
CA GLN A 387 -21.35 8.77 -27.80
C GLN A 387 -20.84 9.92 -26.93
N LEU A 388 -19.52 10.02 -26.75
CA LEU A 388 -18.96 11.13 -25.99
C LEU A 388 -19.26 12.46 -26.66
N SER A 389 -19.10 12.53 -27.99
CA SER A 389 -19.33 13.79 -28.69
C SER A 389 -20.80 14.19 -28.64
N LEU A 390 -21.72 13.23 -28.73
CA LEU A 390 -23.14 13.56 -28.58
C LEU A 390 -23.46 14.00 -27.15
N ILE A 391 -22.91 13.31 -26.15
CA ILE A 391 -23.33 13.56 -24.78
C ILE A 391 -22.73 14.86 -24.25
N PHE A 392 -21.58 15.30 -24.81
CA PHE A 392 -21.05 16.60 -24.43
C PHE A 392 -22.01 17.71 -24.81
N LYS A 393 -22.65 17.62 -25.97
CA LYS A 393 -23.64 18.62 -26.36
C LYS A 393 -24.80 18.63 -25.38
N VAL A 394 -25.24 17.45 -24.95
CA VAL A 394 -26.36 17.36 -24.01
C VAL A 394 -26.01 18.03 -22.69
N VAL A 395 -24.83 17.71 -22.14
CA VAL A 395 -24.47 18.28 -20.84
C VAL A 395 -24.23 19.78 -20.97
N SER A 396 -23.66 20.24 -22.08
CA SER A 396 -23.47 21.67 -22.26
C SER A 396 -24.80 22.40 -22.37
N ASN A 397 -25.77 21.81 -23.08
CA ASN A 397 -27.09 22.42 -23.18
C ASN A 397 -27.77 22.47 -21.81
N ASP A 398 -27.66 21.39 -21.04
CA ASP A 398 -28.24 21.37 -19.69
C ASP A 398 -27.59 22.41 -18.79
N ILE A 399 -26.27 22.59 -18.90
CA ILE A 399 -25.58 23.63 -18.14
C ILE A 399 -26.11 25.00 -18.54
N GLU A 400 -26.24 25.24 -19.85
CA GLU A 400 -26.72 26.53 -20.33
C GLU A 400 -28.13 26.83 -19.81
N HIS A 401 -29.01 25.83 -19.84
CA HIS A 401 -30.38 26.04 -19.37
C HIS A 401 -30.48 26.15 -17.86
N SER A 402 -29.49 25.65 -17.12
CA SER A 402 -29.57 25.59 -15.66
C SER A 402 -28.64 26.58 -14.97
N THR A 403 -28.21 27.64 -15.65
CA THR A 403 -27.30 28.61 -15.05
C THR A 403 -27.87 29.23 -13.79
N CYS A 404 -29.18 29.39 -13.71
CA CYS A 404 -29.82 29.96 -12.52
C CYS A 404 -30.23 28.90 -11.50
N ASN A 405 -30.10 27.62 -11.83
CA ASN A 405 -30.52 26.52 -10.96
C ASN A 405 -29.31 26.04 -10.16
N TYR A 406 -28.89 26.85 -9.19
CA TYR A 406 -27.72 26.51 -8.38
C TYR A 406 -27.87 25.19 -7.63
N SER A 407 -29.10 24.72 -7.42
CA SER A 407 -29.31 23.47 -6.72
C SER A 407 -28.73 22.28 -7.47
N THR A 408 -28.57 22.37 -8.79
CA THR A 408 -28.08 21.27 -9.60
C THR A 408 -26.85 21.59 -10.43
N LEU A 409 -26.52 22.87 -10.59
CA LEU A 409 -25.43 23.26 -11.49
C LEU A 409 -24.10 22.60 -11.13
N GLU A 410 -23.85 22.36 -9.84
CA GLU A 410 -22.60 21.73 -9.43
C GLU A 410 -22.48 20.33 -10.01
N SER A 411 -23.57 19.56 -9.99
CA SER A 411 -23.52 18.22 -10.57
C SER A 411 -23.33 18.28 -12.08
N LEU A 412 -23.93 19.26 -12.75
CA LEU A 412 -23.71 19.40 -14.19
C LEU A 412 -22.26 19.72 -14.50
N LEU A 413 -21.64 20.58 -13.68
CA LEU A 413 -20.22 20.85 -13.87
C LEU A 413 -19.38 19.62 -13.60
N TYR A 414 -19.78 18.78 -12.65
CA TYR A 414 -19.02 17.55 -12.39
C TYR A 414 -19.12 16.57 -13.56
N LEU A 415 -20.32 16.39 -14.12
CA LEU A 415 -20.44 15.56 -15.31
C LEU A 415 -19.65 16.13 -16.48
N LEU A 416 -19.66 17.46 -16.64
CA LEU A 416 -18.85 18.06 -17.69
C LEU A 416 -17.36 17.79 -17.49
N GLN A 417 -16.89 17.91 -16.25
CA GLN A 417 -15.50 17.58 -15.95
C GLN A 417 -15.20 16.13 -16.28
N CYS A 418 -16.09 15.21 -15.89
CA CYS A 418 -15.87 13.79 -16.16
C CYS A 418 -15.81 13.52 -17.65
N ILE A 419 -16.68 14.15 -18.43
CA ILE A 419 -16.63 14.02 -19.88
C ILE A 419 -15.30 14.52 -20.42
N LEU A 420 -14.86 15.68 -19.93
CA LEU A 420 -13.60 16.24 -20.43
C LEU A 420 -12.37 15.46 -19.97
N LEU A 421 -12.50 14.60 -18.97
CA LEU A 421 -11.39 13.71 -18.62
C LEU A 421 -11.20 12.58 -19.63
N ASN A 422 -12.18 12.33 -20.49
CA ASN A 422 -12.08 11.24 -21.45
C ASN A 422 -10.95 11.51 -22.43
N ASP A 423 -10.18 10.46 -22.73
CA ASP A 423 -9.02 10.61 -23.60
C ASP A 423 -9.42 11.03 -25.02
N ASP A 424 -10.52 10.49 -25.52
CA ASP A 424 -10.93 10.76 -26.89
C ASP A 424 -11.20 12.25 -27.10
N GLU A 425 -10.81 12.76 -28.26
CA GLU A 425 -10.91 14.18 -28.58
C GLU A 425 -12.32 14.45 -29.12
N ILE A 426 -13.08 15.27 -28.39
CA ILE A 426 -14.47 15.54 -28.73
C ILE A 426 -14.53 16.36 -30.01
N THR A 427 -15.21 15.82 -31.03
CA THR A 427 -15.41 16.51 -32.30
C THR A 427 -16.81 16.19 -32.81
N GLY A 428 -17.38 17.13 -33.55
CA GLY A 428 -18.75 16.95 -34.01
C GLY A 428 -19.16 18.06 -34.95
N GLU A 429 -20.46 18.06 -35.26
CA GLU A 429 -20.98 18.94 -36.30
C GLU A 429 -20.93 20.41 -35.87
N ASN A 430 -21.42 20.72 -34.68
CA ASN A 430 -21.61 22.12 -34.27
C ASN A 430 -21.21 22.32 -32.82
N ILE A 431 -20.13 21.66 -32.38
CA ILE A 431 -19.65 21.85 -31.02
C ILE A 431 -19.08 23.25 -30.83
N ASP A 432 -18.60 23.88 -31.90
CA ASP A 432 -17.95 25.19 -31.79
C ASP A 432 -18.87 26.21 -31.15
N GLN A 433 -20.13 26.26 -31.60
CA GLN A 433 -21.10 27.14 -30.96
C GLN A 433 -21.34 26.74 -29.51
N SER A 434 -21.41 25.44 -29.24
CA SER A 434 -21.67 24.96 -27.88
C SER A 434 -20.54 25.35 -26.93
N LEU A 435 -19.29 25.16 -27.36
CA LEU A 435 -18.17 25.43 -26.46
C LEU A 435 -18.01 26.93 -26.21
N GLN A 436 -18.38 27.78 -27.17
CA GLN A 436 -18.35 29.22 -26.92
C GLN A 436 -19.35 29.60 -25.83
N ILE A 437 -20.56 29.05 -25.91
CA ILE A 437 -21.56 29.30 -24.87
C ILE A 437 -21.07 28.75 -23.54
N LEU A 438 -20.41 27.60 -23.55
CA LEU A 438 -19.91 27.00 -22.31
C LEU A 438 -18.86 27.88 -21.66
N ILE A 439 -17.88 28.36 -22.44
CA ILE A 439 -16.84 29.20 -21.87
C ILE A 439 -17.40 30.54 -21.42
N LYS A 440 -18.38 31.08 -22.14
CA LYS A 440 -19.03 32.31 -21.68
C LYS A 440 -19.76 32.08 -20.37
N THR A 441 -20.40 30.92 -20.22
CA THR A 441 -21.09 30.60 -18.96
C THR A 441 -20.09 30.47 -17.81
N LEU A 442 -18.96 29.81 -18.06
CA LEU A 442 -17.95 29.68 -17.01
C LEU A 442 -17.37 31.04 -16.62
N GLU A 443 -17.13 31.90 -17.62
CA GLU A 443 -16.65 33.25 -17.32
C GLU A 443 -17.67 34.02 -16.50
N ASN A 444 -18.96 33.90 -16.85
CA ASN A 444 -20.00 34.55 -16.06
C ASN A 444 -20.05 34.01 -14.64
N ILE A 445 -19.83 32.71 -14.46
CA ILE A 445 -19.80 32.13 -13.12
C ILE A 445 -18.65 32.73 -12.31
N LEU A 446 -17.47 32.84 -12.91
CA LEU A 446 -16.34 33.46 -12.21
C LEU A 446 -16.65 34.92 -11.89
N VAL A 447 -17.22 35.65 -12.85
CA VAL A 447 -17.49 37.07 -12.66
C VAL A 447 -18.62 37.31 -11.65
N SER A 448 -19.59 36.41 -11.58
CA SER A 448 -20.77 36.62 -10.76
C SER A 448 -20.40 36.69 -9.27
N GLN A 449 -21.38 37.10 -8.47
CA GLN A 449 -21.20 37.27 -7.03
C GLN A 449 -22.29 36.51 -6.31
N GLU A 450 -22.03 36.21 -5.03
CA GLU A 450 -22.92 35.45 -4.16
C GLU A 450 -23.16 34.04 -4.66
N ILE A 451 -22.31 33.56 -5.56
CA ILE A 451 -22.39 32.17 -6.03
C ILE A 451 -21.98 31.25 -4.90
N PRO A 452 -22.65 30.10 -4.72
CA PRO A 452 -22.20 29.16 -3.68
C PRO A 452 -20.78 28.69 -3.94
N GLU A 453 -20.04 28.48 -2.85
CA GLU A 453 -18.60 28.24 -2.97
C GLU A 453 -18.29 26.94 -3.69
N LEU A 454 -19.18 25.94 -3.59
CA LEU A 454 -18.91 24.68 -4.28
C LEU A 454 -19.12 24.80 -5.79
N ILE A 455 -20.11 25.58 -6.22
CA ILE A 455 -20.30 25.83 -7.64
C ILE A 455 -19.11 26.59 -8.21
N LEU A 456 -18.62 27.58 -7.48
CA LEU A 456 -17.44 28.32 -7.93
C LEU A 456 -16.21 27.42 -7.96
N ALA A 457 -16.06 26.54 -6.96
CA ALA A 457 -14.93 25.63 -6.95
C ALA A 457 -15.00 24.63 -8.10
N ARG A 458 -16.21 24.21 -8.49
CA ARG A 458 -16.33 23.34 -9.65
C ARG A 458 -16.08 24.08 -10.96
N ALA A 459 -16.47 25.35 -11.03
CA ALA A 459 -16.12 26.16 -12.19
C ALA A 459 -14.60 26.29 -12.32
N ILE A 460 -13.92 26.54 -11.20
CA ILE A 460 -12.47 26.78 -11.23
C ILE A 460 -11.72 25.55 -11.74
N LEU A 461 -12.14 24.34 -11.36
CA LEU A 461 -11.46 23.14 -11.83
C LEU A 461 -11.91 22.68 -13.22
N THR A 462 -13.12 23.06 -13.64
CA THR A 462 -13.61 22.63 -14.95
C THR A 462 -12.99 23.43 -16.10
N ILE A 463 -12.68 24.71 -15.87
CA ILE A 463 -12.09 25.53 -16.93
C ILE A 463 -10.80 24.94 -17.49
N PRO A 464 -9.84 24.48 -16.67
CA PRO A 464 -8.65 23.85 -17.26
C PRO A 464 -8.98 22.65 -18.12
N ARG A 465 -9.97 21.84 -17.72
CA ARG A 465 -10.37 20.72 -18.55
C ARG A 465 -10.97 21.19 -19.88
N VAL A 466 -11.79 22.24 -19.83
CA VAL A 466 -12.38 22.78 -21.05
C VAL A 466 -11.28 23.24 -22.00
N LEU A 467 -10.30 23.99 -21.47
CA LEU A 467 -9.23 24.48 -22.32
C LEU A 467 -8.37 23.35 -22.86
N ASP A 468 -8.08 22.34 -22.02
CA ASP A 468 -7.22 21.25 -22.45
C ASP A 468 -7.88 20.42 -23.54
N LYS A 469 -9.15 20.03 -23.34
CA LYS A 469 -9.82 19.18 -24.29
C LYS A 469 -9.99 19.86 -25.65
N PHE A 470 -10.27 21.16 -25.66
CA PHE A 470 -10.53 21.89 -26.89
C PHE A 470 -9.39 22.82 -27.28
N ILE A 471 -8.16 22.53 -26.83
CA ILE A 471 -7.02 23.35 -27.18
C ILE A 471 -6.82 23.40 -28.69
N ASP A 472 -7.18 22.33 -29.40
CA ASP A 472 -7.03 22.26 -30.84
C ASP A 472 -8.13 22.99 -31.60
N ALA A 473 -9.18 23.46 -30.91
CA ALA A 473 -10.29 24.11 -31.56
C ALA A 473 -10.43 25.59 -31.23
N LEU A 474 -9.96 26.04 -30.08
CA LEU A 474 -10.04 27.46 -29.72
C LEU A 474 -8.93 28.22 -30.44
N PRO A 475 -9.26 29.23 -31.25
CA PRO A 475 -8.20 30.04 -31.88
C PRO A 475 -7.60 31.06 -30.92
N ASP A 476 -8.39 31.48 -29.93
CA ASP A 476 -7.97 32.42 -28.91
C ASP A 476 -7.56 31.73 -27.61
N ILE A 477 -6.93 30.56 -27.72
CA ILE A 477 -6.63 29.76 -26.54
C ILE A 477 -5.69 30.49 -25.58
N LYS A 478 -4.72 31.25 -26.12
CA LYS A 478 -3.77 31.92 -25.25
C LYS A 478 -4.41 33.03 -24.42
N PRO A 479 -5.09 34.02 -25.02
CA PRO A 479 -5.74 35.04 -24.19
C PRO A 479 -6.80 34.48 -23.26
N LEU A 480 -7.53 33.46 -23.68
CA LEU A 480 -8.53 32.86 -22.81
C LEU A 480 -7.89 32.16 -21.62
N THR A 481 -6.78 31.44 -21.86
CA THR A 481 -6.08 30.81 -20.75
C THR A 481 -5.52 31.85 -19.78
N SER A 482 -4.95 32.93 -20.33
CA SER A 482 -4.44 33.99 -19.46
C SER A 482 -5.54 34.61 -18.62
N ALA A 483 -6.68 34.94 -19.25
CA ALA A 483 -7.77 35.56 -18.53
C ALA A 483 -8.33 34.63 -17.44
N PHE A 484 -8.55 33.36 -17.79
CA PHE A 484 -9.10 32.43 -16.82
C PHE A 484 -8.14 32.17 -15.66
N LEU A 485 -6.83 32.09 -15.93
CA LEU A 485 -5.87 31.91 -14.85
C LEU A 485 -5.84 33.13 -13.94
N ALA A 486 -5.84 34.33 -14.53
CA ALA A 486 -5.87 35.54 -13.73
C ALA A 486 -7.11 35.61 -12.85
N LYS A 487 -8.27 35.26 -13.41
CA LYS A 487 -9.50 35.27 -12.63
C LYS A 487 -9.47 34.22 -11.52
N SER A 488 -8.95 33.03 -11.82
CA SER A 488 -8.88 31.99 -10.80
C SER A 488 -7.99 32.41 -9.64
N LEU A 489 -6.87 33.08 -9.94
CA LEU A 489 -6.00 33.55 -8.87
C LEU A 489 -6.61 34.71 -8.10
N ASN A 490 -7.26 35.65 -8.80
CA ASN A 490 -7.85 36.79 -8.12
C ASN A 490 -8.98 36.39 -7.20
N LEU A 491 -9.85 35.47 -7.65
CA LEU A 491 -10.94 35.01 -6.80
C LEU A 491 -10.46 34.20 -5.60
N ALA A 492 -9.24 33.65 -5.66
CA ALA A 492 -8.68 32.98 -4.51
C ALA A 492 -8.02 33.96 -3.55
N LEU A 493 -7.35 34.99 -4.08
CA LEU A 493 -6.73 35.99 -3.22
C LEU A 493 -7.79 36.82 -2.49
N LYS A 494 -8.87 37.17 -3.19
CA LYS A 494 -9.84 38.12 -2.67
C LYS A 494 -10.97 37.45 -1.88
N SER A 495 -10.71 36.27 -1.33
CA SER A 495 -11.72 35.58 -0.53
C SER A 495 -11.05 34.84 0.61
N ASP A 496 -11.82 34.62 1.68
CA ASP A 496 -11.35 33.94 2.87
C ASP A 496 -11.75 32.47 2.91
N LYS A 497 -12.43 31.97 1.87
CA LYS A 497 -12.84 30.58 1.81
C LYS A 497 -11.66 29.76 1.32
N GLU A 498 -10.97 29.09 2.26
CA GLU A 498 -9.80 28.31 1.91
C GLU A 498 -10.12 27.21 0.91
N LEU A 499 -11.38 26.76 0.86
CA LEU A 499 -11.78 25.79 -0.16
C LEU A 499 -11.59 26.36 -1.56
N ILE A 500 -11.95 27.64 -1.76
CA ILE A 500 -11.75 28.27 -3.05
C ILE A 500 -10.26 28.37 -3.37
N LYS A 501 -9.43 28.69 -2.38
CA LYS A 501 -7.99 28.75 -2.61
C LYS A 501 -7.43 27.39 -3.02
N SER A 502 -7.88 26.32 -2.37
CA SER A 502 -7.43 24.99 -2.76
C SER A 502 -7.91 24.63 -4.16
N ALA A 503 -9.15 24.98 -4.48
CA ALA A 503 -9.66 24.78 -5.83
C ALA A 503 -8.80 25.53 -6.85
N THR A 504 -8.40 26.75 -6.52
CA THR A 504 -7.59 27.55 -7.43
C THR A 504 -6.22 26.93 -7.64
N LEU A 505 -5.58 26.45 -6.57
CA LEU A 505 -4.27 25.83 -6.75
C LEU A 505 -4.35 24.50 -7.50
N ILE A 506 -5.42 23.73 -7.30
CA ILE A 506 -5.62 22.53 -8.09
C ILE A 506 -5.84 22.88 -9.56
N ALA A 507 -6.62 23.94 -9.81
CA ALA A 507 -6.76 24.42 -11.18
C ALA A 507 -5.42 24.85 -11.76
N PHE A 508 -4.57 25.46 -10.95
CA PHE A 508 -3.25 25.86 -11.43
C PHE A 508 -2.42 24.66 -11.84
N THR A 509 -2.44 23.58 -11.05
CA THR A 509 -1.67 22.42 -11.46
C THR A 509 -2.28 21.76 -12.71
N TYR A 510 -3.61 21.86 -12.88
CA TYR A 510 -4.19 21.38 -14.13
C TYR A 510 -3.80 22.25 -15.32
N TYR A 511 -3.65 23.57 -15.11
CA TYR A 511 -3.11 24.42 -16.19
C TYR A 511 -1.68 24.03 -16.52
N CYS A 512 -0.88 23.76 -15.50
CA CYS A 512 0.52 23.37 -15.73
C CYS A 512 0.59 22.05 -16.50
N TYR A 513 -0.31 21.12 -16.21
CA TYR A 513 -0.25 19.84 -16.92
C TYR A 513 -0.70 19.92 -18.39
N PHE A 514 -1.15 21.02 -18.99
CA PHE A 514 -1.48 20.97 -20.41
C PHE A 514 -0.82 22.12 -21.18
N ALA A 515 -0.61 23.25 -20.52
CA ALA A 515 -0.12 24.46 -21.17
C ALA A 515 1.30 24.77 -20.73
N GLU A 516 2.11 25.23 -21.69
CA GLU A 516 3.45 25.75 -21.40
C GLU A 516 3.31 27.22 -21.01
N LEU A 517 2.99 27.43 -19.73
CA LEU A 517 2.69 28.78 -19.26
C LEU A 517 3.86 29.73 -19.45
N ASP A 518 5.09 29.25 -19.25
CA ASP A 518 6.27 30.09 -19.37
C ASP A 518 6.48 30.64 -20.77
N SER A 519 5.82 30.07 -21.78
CA SER A 519 5.93 30.55 -23.16
C SER A 519 4.71 31.28 -23.66
N VAL A 520 3.54 31.03 -23.08
CA VAL A 520 2.32 31.70 -23.52
C VAL A 520 2.02 32.95 -22.70
N LEU A 521 2.40 32.98 -21.42
CA LEU A 521 2.10 34.13 -20.59
C LEU A 521 3.17 35.21 -20.70
N GLY A 522 4.42 34.84 -20.98
CA GLY A 522 5.52 35.78 -20.96
C GLY A 522 6.20 35.80 -19.61
N PRO A 523 7.47 36.23 -19.57
CA PRO A 523 8.22 36.15 -18.32
C PRO A 523 7.62 36.95 -17.18
N GLU A 524 7.09 38.14 -17.45
CA GLU A 524 6.58 38.98 -16.37
C GLU A 524 5.25 38.44 -15.84
N VAL A 525 4.36 38.01 -16.74
CA VAL A 525 3.11 37.42 -16.29
C VAL A 525 3.36 36.11 -15.57
N CYS A 526 4.36 35.33 -16.04
CA CYS A 526 4.72 34.10 -15.35
C CYS A 526 5.24 34.39 -13.94
N SER A 527 6.08 35.42 -13.80
CA SER A 527 6.59 35.79 -12.48
C SER A 527 5.45 36.21 -11.56
N GLU A 528 4.52 37.02 -12.08
CA GLU A 528 3.41 37.48 -11.26
C GLU A 528 2.48 36.34 -10.87
N THR A 529 2.26 35.37 -11.76
CA THR A 529 1.46 34.22 -11.40
C THR A 529 2.16 33.33 -10.39
N GLN A 530 3.49 33.21 -10.48
CA GLN A 530 4.23 32.49 -9.46
C GLN A 530 4.08 33.17 -8.10
N GLU A 531 4.17 34.51 -8.07
CA GLU A 531 3.97 35.23 -6.82
C GLU A 531 2.58 35.00 -6.27
N LYS A 532 1.56 35.06 -7.12
CA LYS A 532 0.19 34.84 -6.65
C LYS A 532 0.00 33.44 -6.11
N VAL A 533 0.55 32.42 -6.80
CA VAL A 533 0.37 31.05 -6.35
C VAL A 533 1.12 30.80 -5.05
N ILE A 534 2.33 31.33 -4.91
CA ILE A 534 3.05 31.13 -3.65
C ILE A 534 2.34 31.86 -2.51
N ARG A 535 1.74 33.02 -2.76
CA ARG A 535 0.94 33.67 -1.74
C ARG A 535 -0.24 32.81 -1.33
N ILE A 536 -0.93 32.22 -2.32
CA ILE A 536 -2.07 31.36 -2.03
C ILE A 536 -1.63 30.15 -1.20
N ILE A 537 -0.52 29.53 -1.59
CA ILE A 537 -0.02 28.36 -0.87
C ILE A 537 0.36 28.74 0.55
N ASN A 538 0.98 29.91 0.74
CA ASN A 538 1.33 30.38 2.07
C ASN A 538 0.08 30.55 2.93
N GLN A 539 -0.97 31.16 2.36
CA GLN A 539 -2.20 31.35 3.11
C GLN A 539 -2.84 30.01 3.47
N VAL A 540 -2.81 29.04 2.55
CA VAL A 540 -3.46 27.76 2.79
C VAL A 540 -2.69 26.92 3.80
N SER A 541 -1.35 26.99 3.78
CA SER A 541 -0.53 26.08 4.56
C SER A 541 -0.81 26.19 6.06
N SER A 542 -1.33 27.32 6.53
CA SER A 542 -1.58 27.51 7.95
C SER A 542 -2.63 26.54 8.49
N ASP A 543 -3.41 25.89 7.63
CA ASP A 543 -4.43 24.95 8.08
C ASP A 543 -4.39 23.63 7.32
N ALA A 544 -3.28 23.31 6.66
CA ALA A 544 -3.21 22.10 5.87
C ALA A 544 -3.13 20.86 6.74
N GLU A 545 -3.83 19.80 6.33
CA GLU A 545 -3.79 18.51 6.99
C GLU A 545 -4.45 17.49 6.07
N GLU A 546 -4.31 16.21 6.42
CA GLU A 546 -4.94 15.11 5.68
C GLU A 546 -4.55 15.12 4.21
N ASP A 547 -3.24 15.12 3.97
CA ASP A 547 -2.66 15.07 2.62
C ASP A 547 -3.04 16.29 1.77
N THR A 548 -3.34 17.41 2.42
CA THR A 548 -3.34 18.69 1.71
C THR A 548 -1.91 19.13 1.42
N ASN A 549 -0.97 18.79 2.31
CA ASN A 549 0.42 19.16 2.11
C ASN A 549 0.99 18.54 0.84
N GLY A 550 0.56 17.32 0.50
CA GLY A 550 1.01 16.73 -0.75
C GLY A 550 0.58 17.51 -1.96
N ALA A 551 -0.66 17.99 -1.98
CA ALA A 551 -1.12 18.83 -3.08
C ALA A 551 -0.37 20.16 -3.10
N LEU A 552 -0.12 20.74 -1.93
CA LEU A 552 0.65 21.97 -1.88
C LEU A 552 2.05 21.77 -2.44
N MET A 553 2.69 20.65 -2.10
CA MET A 553 4.01 20.36 -2.63
C MET A 553 3.99 20.15 -4.14
N GLU A 554 2.96 19.46 -4.64
CA GLU A 554 2.86 19.26 -6.09
C GLU A 554 2.70 20.61 -6.81
N VAL A 555 1.83 21.48 -6.29
CA VAL A 555 1.63 22.79 -6.90
C VAL A 555 2.92 23.60 -6.85
N LEU A 556 3.62 23.55 -5.71
CA LEU A 556 4.89 24.27 -5.60
C LEU A 556 5.91 23.73 -6.59
N SER A 557 5.91 22.41 -6.83
CA SER A 557 6.78 21.83 -7.85
C SER A 557 6.47 22.39 -9.22
N GLN A 558 5.17 22.48 -9.55
CA GLN A 558 4.79 23.06 -10.85
C GLN A 558 5.22 24.52 -10.93
N VAL A 559 5.08 25.27 -9.84
CA VAL A 559 5.48 26.68 -9.84
C VAL A 559 6.97 26.80 -10.09
N ILE A 560 7.78 26.05 -9.33
CA ILE A 560 9.23 26.16 -9.48
C ILE A 560 9.71 25.60 -10.81
N SER A 561 8.90 24.76 -11.46
CA SER A 561 9.27 24.29 -12.79
C SER A 561 9.27 25.39 -13.84
N TYR A 562 8.69 26.55 -13.53
CA TYR A 562 8.72 27.71 -14.42
C TYR A 562 9.65 28.80 -13.92
N ASN A 563 10.55 28.49 -12.99
CA ASN A 563 11.49 29.46 -12.45
C ASN A 563 12.33 30.06 -13.58
N PRO A 564 12.34 31.39 -13.73
CA PRO A 564 13.02 31.99 -14.88
C PRO A 564 14.53 31.77 -14.91
N LYS A 565 15.16 32.23 -15.98
CA LYS A 565 16.60 32.07 -16.14
C LYS A 565 17.36 32.79 -15.04
N GLU A 566 18.59 32.33 -14.78
CA GLU A 566 19.43 32.93 -13.76
C GLU A 566 19.66 34.43 -13.92
N PRO A 567 19.94 34.97 -15.12
CA PRO A 567 20.14 36.43 -15.22
C PRO A 567 18.88 37.24 -15.03
N HIS A 568 17.71 36.61 -14.92
CA HIS A 568 16.45 37.34 -14.80
C HIS A 568 15.61 36.90 -13.61
N SER A 569 15.92 35.78 -12.95
CA SER A 569 15.09 35.29 -11.86
C SER A 569 15.11 36.26 -10.68
N ARG A 570 13.95 36.47 -10.08
CA ARG A 570 13.83 37.31 -8.90
C ARG A 570 14.30 36.54 -7.67
N LYS A 571 15.28 37.10 -6.95
CA LYS A 571 15.80 36.45 -5.75
C LYS A 571 14.72 36.26 -4.69
N GLU A 572 13.84 37.26 -4.53
CA GLU A 572 12.82 37.17 -3.49
C GLU A 572 11.86 36.02 -3.75
N ILE A 573 11.46 35.82 -5.00
CA ILE A 573 10.56 34.71 -5.33
C ILE A 573 11.22 33.38 -5.01
N LEU A 574 12.50 33.23 -5.36
CA LEU A 574 13.21 31.99 -5.08
C LEU A 574 13.34 31.75 -3.58
N GLN A 575 13.62 32.81 -2.82
CA GLN A 575 13.72 32.66 -1.37
C GLN A 575 12.37 32.25 -0.76
N ALA A 576 11.29 32.85 -1.23
CA ALA A 576 9.97 32.44 -0.75
C ALA A 576 9.65 31.01 -1.15
N GLU A 577 10.04 30.61 -2.34
CA GLU A 577 9.84 29.22 -2.78
C GLU A 577 10.56 28.24 -1.88
N PHE A 578 11.82 28.54 -1.55
CA PHE A 578 12.54 27.66 -0.63
C PHE A 578 11.92 27.66 0.75
N HIS A 579 11.53 28.85 1.23
CA HIS A 579 10.86 28.94 2.53
C HIS A 579 9.63 28.04 2.58
N LEU A 580 8.84 28.04 1.51
CA LEU A 580 7.64 27.21 1.48
C LEU A 580 7.98 25.73 1.40
N VAL A 581 8.89 25.34 0.50
CA VAL A 581 9.20 23.93 0.38
C VAL A 581 9.83 23.40 1.67
N PHE A 582 10.47 24.27 2.45
CA PHE A 582 11.02 23.84 3.73
C PHE A 582 9.94 23.76 4.80
N THR A 583 9.14 24.82 4.95
CA THR A 583 8.15 24.86 6.02
C THR A 583 7.09 23.77 5.84
N ILE A 584 6.52 23.66 4.64
CA ILE A 584 5.44 22.71 4.41
C ILE A 584 5.92 21.28 4.58
N SER A 585 7.20 21.01 4.35
CA SER A 585 7.75 19.68 4.55
C SER A 585 8.24 19.44 5.96
N SER A 586 8.56 20.51 6.71
CA SER A 586 8.90 20.36 8.11
C SER A 586 7.66 20.09 8.95
N GLU A 587 6.56 20.80 8.66
CA GLU A 587 5.27 20.39 9.20
C GLU A 587 4.86 19.07 8.54
N ASP A 588 4.33 18.16 9.37
CA ASP A 588 3.93 16.82 8.92
C ASP A 588 5.09 16.13 8.19
N PRO A 589 6.27 16.02 8.80
CA PRO A 589 7.42 15.49 8.06
C PRO A 589 7.34 14.00 7.77
N ALA A 590 6.49 13.26 8.47
CA ALA A 590 6.44 11.81 8.30
C ALA A 590 5.75 11.38 7.01
N ASN A 591 4.98 12.27 6.39
CA ASN A 591 4.22 11.91 5.19
C ASN A 591 5.21 11.63 4.06
N VAL A 592 5.29 10.36 3.64
CA VAL A 592 6.30 9.96 2.66
C VAL A 592 6.11 10.68 1.34
N GLN A 593 4.85 10.90 0.94
CA GLN A 593 4.59 11.64 -0.30
C GLN A 593 5.16 13.05 -0.23
N VAL A 594 4.95 13.73 0.90
CA VAL A 594 5.52 15.06 1.08
C VAL A 594 7.04 15.00 1.02
N VAL A 595 7.64 13.97 1.61
CA VAL A 595 9.09 13.84 1.61
C VAL A 595 9.61 13.71 0.18
N VAL A 596 9.07 12.77 -0.59
CA VAL A 596 9.57 12.54 -1.94
C VAL A 596 9.31 13.74 -2.83
N GLN A 597 8.15 14.38 -2.67
CA GLN A 597 7.87 15.56 -3.47
C GLN A 597 8.76 16.73 -3.09
N SER A 598 9.19 16.82 -1.84
CA SER A 598 10.15 17.84 -1.46
C SER A 598 11.54 17.53 -1.99
N GLN A 599 11.90 16.25 -2.08
CA GLN A 599 13.14 15.88 -2.76
C GLN A 599 13.11 16.35 -4.21
N GLU A 600 12.00 16.07 -4.91
CA GLU A 600 11.89 16.50 -6.30
C GLU A 600 11.86 18.02 -6.43
N CYS A 601 11.22 18.72 -5.48
CA CYS A 601 11.21 20.18 -5.52
C CYS A 601 12.61 20.75 -5.32
N LEU A 602 13.38 20.19 -4.39
CA LEU A 602 14.75 20.67 -4.20
C LEU A 602 15.61 20.37 -5.42
N GLU A 603 15.42 19.21 -6.05
CA GLU A 603 16.16 18.91 -7.27
C GLU A 603 15.81 19.91 -8.38
N LYS A 604 14.52 20.20 -8.55
CA LYS A 604 14.11 21.19 -9.54
C LYS A 604 14.66 22.57 -9.22
N LEU A 605 14.71 22.93 -7.93
CA LEU A 605 15.23 24.23 -7.51
C LEU A 605 16.74 24.32 -7.57
N LEU A 606 17.43 23.19 -7.76
CA LEU A 606 18.89 23.21 -7.85
C LEU A 606 19.41 22.77 -9.21
N ASP A 607 18.55 22.58 -10.20
CA ASP A 607 19.01 22.27 -11.55
C ASP A 607 19.57 23.50 -12.28
N ASN A 608 19.27 24.71 -11.79
CA ASN A 608 19.63 25.92 -12.49
C ASN A 608 20.70 26.70 -11.74
N ILE A 609 21.67 25.99 -11.16
CA ILE A 609 22.65 26.61 -10.27
C ILE A 609 24.02 26.62 -10.93
N ASN A 610 24.88 27.49 -10.40
CA ASN A 610 26.26 27.61 -10.86
C ASN A 610 27.09 28.12 -9.69
N MET A 611 28.42 28.02 -9.82
CA MET A 611 29.30 28.32 -8.70
C MET A 611 29.19 29.75 -8.24
N ASP A 612 28.66 30.66 -9.07
CA ASP A 612 28.43 32.03 -8.63
C ASP A 612 27.22 32.11 -7.70
N ASN A 613 26.07 31.60 -8.17
CA ASN A 613 24.85 31.68 -7.37
C ASN A 613 24.80 30.60 -6.31
N TYR A 614 25.64 29.56 -6.42
CA TYR A 614 25.66 28.51 -5.42
C TYR A 614 26.06 29.06 -4.05
N LYS A 615 26.91 30.09 -4.03
CA LYS A 615 27.26 30.74 -2.77
C LYS A 615 26.03 31.37 -2.12
N ASN A 616 25.15 31.97 -2.92
CA ASN A 616 23.90 32.51 -2.39
C ASN A 616 22.97 31.39 -1.94
N TYR A 617 22.99 30.26 -2.66
CA TYR A 617 22.16 29.12 -2.26
C TYR A 617 22.60 28.56 -0.91
N ILE A 618 23.90 28.55 -0.65
CA ILE A 618 24.40 27.99 0.61
C ILE A 618 23.81 28.74 1.80
N GLU A 619 23.90 30.08 1.78
CA GLU A 619 23.44 30.87 2.90
C GLU A 619 21.93 30.83 3.07
N LEU A 620 21.19 30.53 2.00
CA LEU A 620 19.75 30.37 2.10
C LEU A 620 19.41 29.01 2.72
N CYS A 621 19.98 27.93 2.18
CA CYS A 621 19.56 26.59 2.56
C CYS A 621 20.21 26.12 3.86
N LEU A 622 21.55 26.12 3.89
CA LEU A 622 22.27 25.41 4.95
C LEU A 622 21.90 25.82 6.37
N PRO A 623 21.76 27.10 6.72
CA PRO A 623 21.45 27.45 8.11
C PRO A 623 20.15 26.86 8.62
N SER A 624 19.19 26.55 7.73
CA SER A 624 17.97 25.89 8.18
C SER A 624 18.24 24.45 8.61
N PHE A 625 19.14 23.76 7.89
CA PHE A 625 19.48 22.38 8.23
C PHE A 625 20.37 22.32 9.46
N ILE A 626 21.31 23.27 9.59
CA ILE A 626 22.23 23.27 10.72
C ILE A 626 21.47 23.45 12.02
N ASN A 627 20.42 24.29 12.02
CA ASN A 627 19.63 24.47 13.23
C ASN A 627 18.92 23.20 13.65
N VAL A 628 18.41 22.41 12.69
CA VAL A 628 17.74 21.17 13.04
C VAL A 628 18.75 20.14 13.55
N LEU A 629 19.92 20.08 12.90
CA LEU A 629 20.97 19.18 13.38
C LEU A 629 21.39 19.52 14.80
N ASP A 630 21.54 20.82 15.09
CA ASP A 630 21.89 21.25 16.44
C ASP A 630 20.78 20.91 17.43
N SER A 631 19.52 21.13 17.04
CA SER A 631 18.41 20.87 17.96
C SER A 631 18.17 19.38 18.18
N ASN A 632 18.66 18.52 17.30
CA ASN A 632 18.58 17.08 17.52
C ASN A 632 19.75 16.54 18.33
N ASN A 633 20.75 17.36 18.63
CA ASN A 633 21.93 16.88 19.35
C ASN A 633 21.57 16.42 20.77
N ALA A 634 20.56 17.04 21.39
CA ALA A 634 20.24 16.72 22.77
C ALA A 634 19.73 15.30 22.92
N ASN A 635 19.06 14.76 21.90
CA ASN A 635 18.52 13.41 21.95
C ASN A 635 19.48 12.38 21.34
N ASN A 636 20.78 12.68 21.30
CA ASN A 636 21.79 11.80 20.74
C ASN A 636 21.46 11.41 19.30
N TYR A 637 20.81 12.31 18.57
CA TYR A 637 20.49 12.12 17.16
C TYR A 637 19.71 10.84 16.92
N ARG A 638 18.80 10.51 17.84
CA ARG A 638 17.95 9.34 17.68
C ARG A 638 17.04 9.52 16.46
N TYR A 639 16.38 8.43 16.07
CA TYR A 639 15.52 8.45 14.91
C TYR A 639 14.40 9.46 15.08
N SER A 640 14.18 10.27 14.05
CA SER A 640 13.10 11.25 14.03
C SER A 640 12.83 11.58 12.57
N PRO A 641 11.56 11.76 12.17
CA PRO A 641 11.29 12.07 10.76
C PRO A 641 11.91 13.38 10.31
N LEU A 642 11.95 14.39 11.18
CA LEU A 642 12.53 15.67 10.81
C LEU A 642 14.03 15.56 10.59
N LEU A 643 14.72 14.79 11.43
CA LEU A 643 16.16 14.62 11.27
C LEU A 643 16.48 13.88 9.98
N SER A 644 15.74 12.79 9.69
CA SER A 644 15.94 12.10 8.43
C SER A 644 15.62 13.00 7.24
N LEU A 645 14.62 13.87 7.39
CA LEU A 645 14.27 14.79 6.31
C LEU A 645 15.40 15.77 6.03
N VAL A 646 15.93 16.39 7.09
CA VAL A 646 17.00 17.37 6.87
C VAL A 646 18.27 16.69 6.36
N LEU A 647 18.54 15.45 6.79
CA LEU A 647 19.67 14.73 6.22
C LEU A 647 19.46 14.42 4.75
N GLU A 648 18.24 14.04 4.37
CA GLU A 648 17.93 13.76 2.97
C GLU A 648 17.90 15.03 2.13
N PHE A 649 17.73 16.20 2.74
CA PHE A 649 17.92 17.46 2.03
C PHE A 649 19.39 17.83 1.90
N ILE A 650 20.18 17.60 2.94
CA ILE A 650 21.62 17.87 2.88
C ILE A 650 22.27 17.02 1.80
N THR A 651 21.91 15.73 1.74
CA THR A 651 22.52 14.86 0.74
C THR A 651 22.13 15.26 -0.67
N VAL A 652 20.91 15.77 -0.86
CA VAL A 652 20.51 16.24 -2.19
C VAL A 652 21.25 17.52 -2.54
N PHE A 653 21.36 18.45 -1.59
CA PHE A 653 22.08 19.70 -1.84
C PHE A 653 23.53 19.43 -2.20
N LEU A 654 24.17 18.48 -1.50
CA LEU A 654 25.53 18.10 -1.84
C LEU A 654 25.58 17.43 -3.22
N LYS A 655 24.68 16.48 -3.46
CA LYS A 655 24.72 15.71 -4.70
C LYS A 655 24.42 16.55 -5.94
N LYS A 656 23.73 17.68 -5.78
CA LYS A 656 23.48 18.59 -6.89
C LYS A 656 24.61 19.62 -6.99
N LYS A 657 25.83 19.10 -7.09
CA LYS A 657 27.00 19.96 -7.13
C LYS A 657 27.09 20.65 -8.50
N PRO A 658 27.68 21.84 -8.55
CA PRO A 658 27.94 22.49 -9.84
C PRO A 658 29.06 21.77 -10.58
N ASN A 659 28.77 21.33 -11.80
CA ASN A 659 29.75 20.58 -12.58
C ASN A 659 30.97 21.41 -12.96
N ASP A 660 30.92 22.73 -12.77
CA ASP A 660 32.06 23.57 -13.11
C ASP A 660 33.29 23.23 -12.27
N GLY A 661 33.10 22.65 -11.09
CA GLY A 661 34.25 22.29 -10.27
C GLY A 661 33.85 21.86 -8.87
N PHE A 662 34.81 21.98 -7.95
CA PHE A 662 34.63 21.50 -6.59
C PHE A 662 33.60 22.32 -5.83
N LEU A 663 33.08 21.71 -4.76
CA LEU A 663 32.14 22.40 -3.88
C LEU A 663 32.86 23.53 -3.14
N PRO A 664 32.19 24.66 -2.92
CA PRO A 664 32.82 25.76 -2.18
C PRO A 664 33.19 25.35 -0.76
N ASP A 665 34.23 26.00 -0.23
CA ASP A 665 34.68 25.65 1.15
C ASP A 665 33.59 26.02 2.15
N GLU A 666 32.73 27.00 1.81
CA GLU A 666 31.71 27.44 2.76
C GLU A 666 30.81 26.29 3.20
N ILE A 667 30.33 25.50 2.23
CA ILE A 667 29.43 24.41 2.58
C ILE A 667 30.14 23.35 3.40
N ASN A 668 31.43 23.11 3.12
CA ASN A 668 32.19 22.17 3.93
C ASN A 668 32.32 22.67 5.36
N GLN A 669 32.67 23.96 5.53
CA GLN A 669 32.80 24.51 6.87
C GLN A 669 31.48 24.48 7.62
N TYR A 670 30.36 24.63 6.90
CA TYR A 670 29.05 24.53 7.54
C TYR A 670 28.74 23.10 7.98
N LEU A 671 28.94 22.14 7.07
CA LEU A 671 28.42 20.79 7.28
C LEU A 671 29.34 19.90 8.12
N PHE A 672 30.65 20.16 8.12
CA PHE A 672 31.58 19.18 8.69
C PHE A 672 31.31 18.93 10.17
N GLU A 673 31.17 20.00 10.96
CA GLU A 673 30.99 19.84 12.40
C GLU A 673 29.72 19.05 12.75
N PRO A 674 28.53 19.41 12.26
CA PRO A 674 27.34 18.63 12.66
C PRO A 674 27.33 17.23 12.08
N LEU A 675 27.84 17.03 10.87
CA LEU A 675 27.91 15.68 10.31
C LEU A 675 28.89 14.83 11.12
N ALA A 676 30.04 15.39 11.49
CA ALA A 676 30.97 14.66 12.34
C ALA A 676 30.31 14.30 13.67
N LYS A 677 29.58 15.24 14.27
CA LYS A 677 28.93 14.97 15.54
C LYS A 677 27.89 13.85 15.42
N VAL A 678 27.06 13.91 14.37
CA VAL A 678 26.01 12.90 14.24
C VAL A 678 26.62 11.53 13.95
N LEU A 679 27.69 11.48 13.15
CA LEU A 679 28.35 10.19 12.93
C LEU A 679 29.06 9.70 14.18
N ALA A 680 29.47 10.60 15.07
CA ALA A 680 30.18 10.20 16.28
C ALA A 680 29.24 9.84 17.42
N PHE A 681 27.98 10.25 17.38
CA PHE A 681 27.06 10.01 18.49
C PHE A 681 25.81 9.23 18.15
N SER A 682 25.30 9.32 16.92
CA SER A 682 24.02 8.70 16.61
C SER A 682 24.14 7.18 16.63
N THR A 683 22.98 6.52 16.76
CA THR A 683 22.91 5.06 16.74
C THR A 683 21.83 4.51 15.82
N GLU A 684 20.82 5.29 15.44
CA GLU A 684 19.75 4.79 14.58
C GLU A 684 20.31 4.43 13.20
N ASP A 685 19.85 3.31 12.65
CA ASP A 685 20.38 2.83 11.37
C ASP A 685 20.09 3.83 10.25
N GLU A 686 18.85 4.32 10.16
CA GLU A 686 18.50 5.25 9.10
C GLU A 686 19.29 6.54 9.20
N THR A 687 19.43 7.06 10.43
CA THR A 687 20.19 8.29 10.63
C THR A 687 21.64 8.12 10.25
N LEU A 688 22.26 7.01 10.68
CA LEU A 688 23.65 6.77 10.34
C LEU A 688 23.83 6.56 8.84
N GLN A 689 22.89 5.88 8.19
CA GLN A 689 22.99 5.67 6.75
C GLN A 689 22.92 7.00 6.00
N LEU A 690 21.94 7.84 6.32
CA LEU A 690 21.81 9.12 5.65
C LEU A 690 23.01 10.01 5.92
N ALA A 691 23.48 10.05 7.17
CA ALA A 691 24.61 10.89 7.52
C ALA A 691 25.88 10.42 6.82
N THR A 692 26.08 9.10 6.73
CA THR A 692 27.25 8.59 6.01
C THR A 692 27.14 8.89 4.52
N GLU A 693 25.95 8.78 3.95
CA GLU A 693 25.77 9.09 2.53
C GLU A 693 26.11 10.54 2.25
N ALA A 694 25.70 11.46 3.14
CA ALA A 694 26.05 12.86 2.97
C ALA A 694 27.54 13.09 3.17
N PHE A 695 28.10 12.55 4.25
CA PHE A 695 29.49 12.82 4.63
C PHE A 695 30.46 12.30 3.58
N SER A 696 30.21 11.09 3.07
CA SER A 696 31.11 10.53 2.06
C SER A 696 31.14 11.38 0.80
N TYR A 697 29.97 11.86 0.36
CA TYR A 697 29.93 12.73 -0.81
C TYR A 697 30.64 14.05 -0.53
N LEU A 698 30.46 14.59 0.68
CA LEU A 698 31.16 15.83 1.04
C LEU A 698 32.66 15.63 1.00
N ILE A 699 33.15 14.51 1.53
CA ILE A 699 34.58 14.23 1.50
C ILE A 699 35.06 14.09 0.06
N PHE A 700 34.29 13.35 -0.76
CA PHE A 700 34.70 13.09 -2.14
C PHE A 700 34.76 14.37 -2.96
N ASN A 701 33.91 15.35 -2.67
CA ASN A 701 33.82 16.55 -3.48
C ASN A 701 34.36 17.81 -2.81
N THR A 702 35.02 17.69 -1.67
CA THR A 702 35.65 18.83 -1.01
C THR A 702 37.05 19.05 -1.57
N ASP A 703 37.44 20.32 -1.68
CA ASP A 703 38.79 20.66 -2.16
C ASP A 703 39.84 20.06 -1.24
N THR A 704 40.94 19.59 -1.84
CA THR A 704 41.99 18.92 -1.08
C THR A 704 42.59 19.84 -0.03
N ARG A 705 42.95 21.08 -0.44
CA ARG A 705 43.61 22.00 0.49
C ARG A 705 42.70 22.43 1.64
N ALA A 706 41.38 22.32 1.47
CA ALA A 706 40.48 22.69 2.55
C ALA A 706 40.29 21.55 3.55
N MET A 707 40.34 20.31 3.07
CA MET A 707 40.08 19.15 3.92
C MET A 707 41.32 18.65 4.66
N GLU A 708 42.51 19.01 4.19
CA GLU A 708 43.75 18.50 4.77
C GLU A 708 43.84 18.67 6.28
N PRO A 709 43.52 19.83 6.88
CA PRO A 709 43.61 19.93 8.35
C PRO A 709 42.68 18.99 9.10
N ARG A 710 41.62 18.49 8.46
CA ARG A 710 40.58 17.74 9.15
C ARG A 710 40.76 16.23 9.03
N LEU A 711 41.94 15.76 8.58
CA LEU A 711 42.14 14.34 8.34
C LEU A 711 41.96 13.52 9.63
N MET A 712 42.49 14.02 10.75
CA MET A 712 42.39 13.28 12.00
C MET A 712 40.94 13.12 12.43
N ASP A 713 40.15 14.19 12.31
CA ASP A 713 38.73 14.11 12.64
C ASP A 713 38.01 13.10 11.77
N ILE A 714 38.30 13.11 10.46
CA ILE A 714 37.67 12.18 9.53
C ILE A 714 38.02 10.75 9.91
N MET A 715 39.29 10.50 10.23
CA MET A 715 39.71 9.16 10.60
C MET A 715 39.04 8.69 11.89
N LYS A 716 38.94 9.57 12.88
CA LYS A 716 38.24 9.22 14.12
C LYS A 716 36.78 8.92 13.85
N VAL A 717 36.14 9.71 12.99
CA VAL A 717 34.74 9.48 12.64
C VAL A 717 34.58 8.12 11.97
N LEU A 718 35.48 7.79 11.04
CA LEU A 718 35.43 6.48 10.38
C LEU A 718 35.59 5.35 11.40
N GLU A 719 36.55 5.50 12.31
CA GLU A 719 36.78 4.47 13.32
C GLU A 719 35.55 4.27 14.18
N ARG A 720 34.92 5.36 14.62
CA ARG A 720 33.69 5.24 15.40
C ARG A 720 32.59 4.59 14.56
N LEU A 721 32.44 5.01 13.31
CA LEU A 721 31.37 4.54 12.44
C LEU A 721 31.49 3.06 12.12
N LEU A 722 32.69 2.49 12.23
CA LEU A 722 32.81 1.04 12.06
C LEU A 722 33.16 0.33 13.37
N SER A 723 33.18 1.04 14.49
CA SER A 723 33.42 0.41 15.78
C SER A 723 32.17 -0.33 16.25
N LEU A 724 32.36 -1.18 17.27
CA LEU A 724 31.34 -2.16 17.66
C LEU A 724 30.08 -1.54 18.23
N GLU A 725 30.12 -0.31 18.73
CA GLU A 725 28.93 0.25 19.35
C GLU A 725 27.88 0.71 18.34
N VAL A 726 28.08 0.47 17.05
CA VAL A 726 27.09 0.76 16.02
C VAL A 726 26.72 -0.54 15.31
N SER A 727 25.49 -0.60 14.81
CA SER A 727 25.01 -1.82 14.19
C SER A 727 25.73 -2.10 12.88
N ASP A 728 25.76 -3.39 12.51
CA ASP A 728 26.41 -3.79 11.27
C ASP A 728 25.70 -3.25 10.04
N SER A 729 24.36 -3.17 10.09
CA SER A 729 23.62 -2.64 8.96
C SER A 729 23.99 -1.18 8.69
N ALA A 730 24.19 -0.40 9.75
CA ALA A 730 24.72 0.95 9.58
C ALA A 730 26.18 0.92 9.14
N ALA A 731 26.94 -0.07 9.59
CA ALA A 731 28.34 -0.20 9.19
C ALA A 731 28.47 -0.55 7.71
N MET A 732 27.40 -1.02 7.08
CA MET A 732 27.45 -1.40 5.67
C MET A 732 27.92 -0.25 4.79
N ASN A 733 27.62 0.99 5.17
CA ASN A 733 27.93 2.17 4.37
C ASN A 733 29.39 2.62 4.49
N VAL A 734 30.25 1.83 5.13
CA VAL A 734 31.63 2.25 5.34
C VAL A 734 32.38 2.39 4.02
N GLY A 735 31.99 1.63 3.00
CA GLY A 735 32.69 1.61 1.74
C GLY A 735 32.87 2.96 1.06
N PRO A 736 31.76 3.67 0.82
CA PRO A 736 31.88 4.99 0.17
C PRO A 736 32.76 5.97 0.92
N LEU A 737 32.76 5.92 2.26
CA LEU A 737 33.59 6.85 3.02
C LEU A 737 35.08 6.57 2.79
N VAL A 738 35.48 5.30 2.82
CA VAL A 738 36.87 4.96 2.55
C VAL A 738 37.25 5.31 1.13
N VAL A 739 36.34 5.06 0.17
CA VAL A 739 36.61 5.40 -1.22
C VAL A 739 36.85 6.90 -1.37
N ALA A 740 35.98 7.71 -0.76
CA ALA A 740 36.15 9.16 -0.81
C ALA A 740 37.45 9.59 -0.14
N ILE A 741 37.78 8.98 1.00
CA ILE A 741 39.01 9.33 1.70
C ILE A 741 40.22 9.09 0.80
N PHE A 742 40.30 7.90 0.20
CA PHE A 742 41.45 7.57 -0.62
C PHE A 742 41.50 8.42 -1.88
N THR A 743 40.34 8.67 -2.51
CA THR A 743 40.34 9.50 -3.71
C THR A 743 40.63 10.96 -3.42
N ARG A 744 40.43 11.40 -2.18
CA ARG A 744 40.72 12.77 -1.79
C ARG A 744 42.11 12.94 -1.18
N PHE A 745 42.40 12.18 -0.12
CA PHE A 745 43.72 12.21 0.53
C PHE A 745 44.70 11.24 -0.11
N SER A 746 44.95 11.35 -1.41
CA SER A 746 45.79 10.37 -2.09
C SER A 746 47.24 10.39 -1.62
N LYS A 747 47.67 11.41 -0.89
CA LYS A 747 49.03 11.50 -0.39
C LYS A 747 49.13 11.40 1.13
N GLU A 748 48.13 11.88 1.86
CA GLU A 748 48.21 11.94 3.32
C GLU A 748 47.85 10.62 4.00
N ILE A 749 47.22 9.68 3.29
CA ILE A 749 46.78 8.44 3.92
C ILE A 749 47.93 7.51 4.25
N GLN A 750 49.13 7.76 3.72
CA GLN A 750 50.23 6.81 3.88
C GLN A 750 50.60 6.51 5.33
N PRO A 751 50.72 7.48 6.25
CA PRO A 751 51.05 7.11 7.63
C PRO A 751 49.93 6.41 8.36
N LEU A 752 48.67 6.75 8.07
CA LEU A 752 47.54 6.25 8.84
C LEU A 752 46.84 5.05 8.19
N ILE A 753 47.30 4.61 7.02
CA ILE A 753 46.64 3.50 6.32
C ILE A 753 46.63 2.23 7.17
N GLY A 754 47.62 2.06 8.04
CA GLY A 754 47.63 0.92 8.93
C GLY A 754 46.43 0.89 9.85
N ARG A 755 46.02 2.06 10.35
CA ARG A 755 44.82 2.13 11.18
C ARG A 755 43.59 1.69 10.39
N ILE A 756 43.50 2.12 9.12
CA ILE A 756 42.37 1.73 8.28
C ILE A 756 42.33 0.23 8.11
N LEU A 757 43.48 -0.37 7.77
CA LEU A 757 43.53 -1.82 7.60
C LEU A 757 43.15 -2.55 8.90
N GLU A 758 43.68 -2.09 10.04
CA GLU A 758 43.35 -2.72 11.31
C GLU A 758 41.85 -2.66 11.57
N ALA A 759 41.25 -1.49 11.36
CA ALA A 759 39.82 -1.33 11.63
C ALA A 759 38.99 -2.20 10.69
N VAL A 760 39.34 -2.22 9.40
CA VAL A 760 38.59 -3.02 8.43
C VAL A 760 38.67 -4.50 8.80
N VAL A 761 39.86 -5.01 9.10
CA VAL A 761 39.99 -6.43 9.37
C VAL A 761 39.29 -6.80 10.68
N VAL A 762 39.38 -5.95 11.70
CA VAL A 762 38.73 -6.30 12.97
C VAL A 762 37.21 -6.33 12.79
N ARG A 763 36.64 -5.32 12.12
CA ARG A 763 35.20 -5.37 11.89
C ARG A 763 34.81 -6.54 10.98
N LEU A 764 35.66 -6.88 10.01
CA LEU A 764 35.36 -8.02 9.13
C LEU A 764 35.27 -9.31 9.93
N ILE A 765 36.24 -9.53 10.82
CA ILE A 765 36.22 -10.77 11.59
C ILE A 765 35.16 -10.75 12.70
N LYS A 766 34.72 -9.57 13.14
CA LYS A 766 33.67 -9.52 14.15
C LYS A 766 32.29 -9.74 13.55
N THR A 767 32.00 -9.10 12.41
CA THR A 767 30.63 -9.03 11.90
C THR A 767 30.09 -10.40 11.49
N GLN A 768 28.82 -10.64 11.80
CA GLN A 768 28.11 -11.81 11.30
C GLN A 768 27.35 -11.51 10.01
N ASN A 769 26.84 -10.27 9.87
CA ASN A 769 25.87 -9.97 8.82
C ASN A 769 26.49 -10.14 7.44
N ILE A 770 25.77 -10.84 6.56
CA ILE A 770 26.32 -11.21 5.25
C ILE A 770 26.62 -9.97 4.42
N SER A 771 25.65 -9.05 4.32
CA SER A 771 25.86 -7.85 3.53
C SER A 771 26.96 -6.96 4.13
N THR A 772 27.06 -6.94 5.45
CA THR A 772 28.16 -6.23 6.09
C THR A 772 29.49 -6.90 5.77
N GLU A 773 29.53 -8.22 5.78
CA GLU A 773 30.73 -8.93 5.38
C GLU A 773 31.12 -8.57 3.95
N GLN A 774 30.15 -8.50 3.05
CA GLN A 774 30.44 -8.16 1.66
C GLN A 774 30.96 -6.73 1.53
N ASN A 775 30.38 -5.80 2.30
CA ASN A 775 30.84 -4.41 2.23
C ASN A 775 32.27 -4.28 2.75
N LEU A 776 32.59 -4.94 3.87
CA LEU A 776 33.96 -4.93 4.36
C LEU A 776 34.91 -5.63 3.40
N LEU A 777 34.44 -6.69 2.72
CA LEU A 777 35.28 -7.32 1.70
C LEU A 777 35.56 -6.37 0.56
N SER A 778 34.57 -5.58 0.15
CA SER A 778 34.78 -4.59 -0.90
C SER A 778 35.80 -3.54 -0.44
N VAL A 779 35.70 -3.12 0.82
CA VAL A 779 36.64 -2.14 1.35
C VAL A 779 38.06 -2.72 1.35
N LEU A 780 38.21 -3.96 1.82
CA LEU A 780 39.51 -4.61 1.84
C LEU A 780 40.04 -4.83 0.43
N CYS A 781 39.16 -5.13 -0.52
CA CYS A 781 39.56 -5.27 -1.91
C CYS A 781 40.12 -3.97 -2.46
N PHE A 782 39.45 -2.86 -2.17
CA PHE A 782 39.93 -1.55 -2.61
C PHE A 782 41.29 -1.24 -1.97
N LEU A 783 41.42 -1.54 -0.68
CA LEU A 783 42.68 -1.30 0.02
C LEU A 783 43.81 -2.11 -0.61
N THR A 784 43.56 -3.40 -0.89
CA THR A 784 44.59 -4.24 -1.48
C THR A 784 44.94 -3.81 -2.89
N CYS A 785 43.94 -3.43 -3.68
CA CYS A 785 44.22 -3.01 -5.05
C CYS A 785 44.98 -1.69 -5.09
N ASN A 786 44.78 -0.83 -4.08
CA ASN A 786 45.54 0.41 -4.05
C ASN A 786 47.00 0.16 -3.69
N ASP A 787 47.26 -0.62 -2.65
CA ASP A 787 48.61 -0.90 -2.18
C ASP A 787 48.67 -2.33 -1.63
N PRO A 788 48.89 -3.31 -2.51
CA PRO A 788 48.90 -4.71 -2.02
C PRO A 788 49.99 -5.00 -1.00
N LYS A 789 51.17 -4.40 -1.15
CA LYS A 789 52.29 -4.71 -0.26
C LYS A 789 51.99 -4.28 1.17
N GLN A 790 51.55 -3.04 1.35
CA GLN A 790 51.25 -2.54 2.69
C GLN A 790 50.12 -3.34 3.33
N THR A 791 49.09 -3.66 2.54
CA THR A 791 47.95 -4.41 3.07
C THR A 791 48.36 -5.80 3.53
N VAL A 792 49.13 -6.52 2.71
CA VAL A 792 49.54 -7.88 3.11
C VAL A 792 50.49 -7.80 4.30
N ASP A 793 51.37 -6.80 4.32
CA ASP A 793 52.30 -6.66 5.45
C ASP A 793 51.54 -6.43 6.75
N PHE A 794 50.52 -5.56 6.72
CA PHE A 794 49.76 -5.29 7.93
C PHE A 794 48.92 -6.50 8.35
N LEU A 795 48.26 -7.15 7.38
CA LEU A 795 47.41 -8.29 7.71
C LEU A 795 48.22 -9.45 8.27
N SER A 796 49.42 -9.69 7.74
CA SER A 796 50.22 -10.79 8.24
C SER A 796 50.86 -10.49 9.59
N SER A 797 51.22 -9.22 9.82
CA SER A 797 51.93 -8.87 11.04
C SER A 797 51.00 -8.65 12.23
N PHE A 798 49.84 -8.03 12.00
CA PHE A 798 48.92 -7.72 13.09
C PHE A 798 48.15 -8.97 13.51
N GLN A 799 47.93 -9.11 14.81
CA GLN A 799 47.31 -10.29 15.37
C GLN A 799 46.11 -9.90 16.22
N ILE A 800 45.09 -10.76 16.22
CA ILE A 800 43.90 -10.58 17.04
C ILE A 800 43.72 -11.81 17.91
N ASP A 801 43.50 -11.59 19.21
CA ASP A 801 43.32 -12.67 20.18
C ASP A 801 44.51 -13.63 20.14
N ASN A 802 45.71 -13.06 20.09
CA ASN A 802 46.98 -13.80 20.04
C ASN A 802 47.06 -14.73 18.84
N THR A 803 46.29 -14.45 17.78
CA THR A 803 46.34 -15.20 16.54
C THR A 803 46.49 -14.24 15.38
N ASP A 804 47.34 -14.60 14.42
CA ASP A 804 47.54 -13.76 13.25
C ASP A 804 46.25 -13.60 12.47
N ALA A 805 46.05 -12.39 11.92
CA ALA A 805 44.83 -12.11 11.18
C ALA A 805 44.79 -12.84 9.85
N LEU A 806 45.95 -13.15 9.29
CA LEU A 806 46.05 -13.58 7.90
C LEU A 806 45.21 -14.83 7.63
N THR A 807 45.42 -15.88 8.41
CA THR A 807 44.73 -17.13 8.13
C THR A 807 43.21 -16.98 8.30
N LEU A 808 42.78 -16.27 9.34
CA LEU A 808 41.35 -16.11 9.58
C LEU A 808 40.70 -15.31 8.45
N VAL A 809 41.37 -14.25 7.99
CA VAL A 809 40.80 -13.44 6.93
C VAL A 809 40.80 -14.21 5.60
N MET A 810 41.80 -15.06 5.37
CA MET A 810 41.77 -15.89 4.17
C MET A 810 40.61 -16.86 4.21
N ARG A 811 40.38 -17.50 5.37
CA ARG A 811 39.25 -18.42 5.51
C ARG A 811 37.93 -17.71 5.22
N LYS A 812 37.70 -16.57 5.90
CA LYS A 812 36.44 -15.85 5.73
C LYS A 812 36.29 -15.30 4.32
N TRP A 813 37.38 -14.83 3.72
CA TRP A 813 37.33 -14.27 2.38
C TRP A 813 36.93 -15.32 1.37
N ILE A 814 37.59 -16.49 1.41
CA ILE A 814 37.25 -17.53 0.44
C ILE A 814 35.85 -18.07 0.69
N GLU A 815 35.44 -18.18 1.96
CA GLU A 815 34.08 -18.65 2.24
C GLU A 815 33.04 -17.68 1.69
N ALA A 816 33.23 -16.38 1.93
CA ALA A 816 32.28 -15.40 1.45
C ALA A 816 32.28 -15.33 -0.07
N PHE A 817 33.45 -15.42 -0.70
CA PHE A 817 33.51 -15.44 -2.16
C PHE A 817 32.74 -16.63 -2.71
N GLU A 818 32.88 -17.79 -2.06
CA GLU A 818 32.04 -18.93 -2.41
C GLU A 818 30.56 -18.64 -2.17
N VAL A 819 30.24 -17.73 -1.25
CA VAL A 819 28.85 -17.35 -1.02
C VAL A 819 28.41 -16.19 -1.91
N ILE A 820 29.35 -15.31 -2.30
CA ILE A 820 28.99 -14.09 -3.01
C ILE A 820 28.30 -14.41 -4.34
N ARG A 821 27.37 -13.54 -4.73
CA ARG A 821 26.67 -13.64 -6.01
C ARG A 821 26.66 -12.28 -6.67
N GLY A 822 26.34 -12.27 -7.96
CA GLY A 822 26.29 -11.04 -8.73
C GLY A 822 27.63 -10.65 -9.33
N GLU A 823 27.63 -10.31 -10.62
CA GLU A 823 28.88 -10.09 -11.33
C GLU A 823 29.66 -8.89 -10.80
N LYS A 824 28.94 -7.83 -10.40
CA LYS A 824 29.61 -6.60 -9.99
C LYS A 824 30.60 -6.84 -8.86
N ARG A 825 30.21 -7.63 -7.86
CA ARG A 825 31.11 -7.93 -6.75
C ARG A 825 32.19 -8.92 -7.15
N ILE A 826 31.88 -9.82 -8.09
CA ILE A 826 32.85 -10.83 -8.50
C ILE A 826 34.07 -10.20 -9.13
N LYS A 827 33.87 -9.16 -9.95
CA LYS A 827 34.98 -8.53 -10.66
C LYS A 827 36.01 -7.97 -9.69
N GLU A 828 35.55 -7.34 -8.62
CA GLU A 828 36.47 -6.78 -7.63
C GLU A 828 37.34 -7.88 -7.01
N ASN A 829 36.72 -8.99 -6.62
CA ASN A 829 37.49 -10.10 -6.06
C ASN A 829 38.44 -10.67 -7.09
N ILE A 830 38.02 -10.70 -8.36
CA ILE A 830 38.88 -11.19 -9.43
C ILE A 830 40.15 -10.35 -9.50
N VAL A 831 39.97 -9.03 -9.57
CA VAL A 831 41.13 -8.15 -9.72
C VAL A 831 42.00 -8.17 -8.46
N ALA A 832 41.38 -8.29 -7.29
CA ALA A 832 42.15 -8.33 -6.05
C ALA A 832 43.01 -9.58 -5.96
N LEU A 833 42.40 -10.75 -6.20
CA LEU A 833 43.16 -11.99 -6.15
C LEU A 833 44.21 -12.05 -7.25
N SER A 834 43.94 -11.48 -8.42
CA SER A 834 44.97 -11.43 -9.46
C SER A 834 46.13 -10.54 -9.04
N ASN A 835 45.84 -9.41 -8.40
CA ASN A 835 46.92 -8.56 -7.89
C ASN A 835 47.72 -9.27 -6.82
N LEU A 836 47.06 -10.05 -5.96
CA LEU A 836 47.78 -10.82 -4.96
C LEU A 836 48.66 -11.88 -5.60
N PHE A 837 48.15 -12.55 -6.64
CA PHE A 837 48.94 -13.54 -7.35
C PHE A 837 50.17 -12.90 -7.98
N PHE A 838 49.99 -11.74 -8.61
CA PHE A 838 51.08 -11.06 -9.29
C PHE A 838 52.16 -10.56 -8.34
N LEU A 839 51.98 -10.71 -7.03
CA LEU A 839 53.02 -10.34 -6.08
C LEU A 839 54.15 -11.37 -6.06
N ASN A 840 53.83 -12.64 -6.29
CA ASN A 840 54.80 -13.73 -6.36
C ASN A 840 55.71 -13.74 -5.13
N ASP A 841 55.09 -13.79 -3.96
CA ASP A 841 55.80 -13.85 -2.68
C ASP A 841 55.37 -15.12 -1.97
N LYS A 842 56.35 -15.92 -1.54
CA LYS A 842 56.05 -17.23 -0.97
C LYS A 842 55.27 -17.14 0.33
N ARG A 843 55.36 -16.00 1.05
CA ARG A 843 54.77 -15.92 2.38
C ARG A 843 53.26 -16.06 2.33
N LEU A 844 52.63 -15.72 1.21
CA LEU A 844 51.19 -15.93 1.04
C LEU A 844 50.88 -17.38 0.65
N GLN A 845 51.49 -17.85 -0.43
CA GLN A 845 51.09 -19.10 -1.08
C GLN A 845 51.39 -20.34 -0.25
N LYS A 846 52.14 -20.23 0.84
CA LYS A 846 52.50 -21.40 1.64
C LYS A 846 51.48 -21.70 2.73
N VAL A 847 50.44 -20.86 2.89
CA VAL A 847 49.35 -21.18 3.80
C VAL A 847 48.46 -22.24 3.17
N VAL A 848 48.07 -23.24 3.96
CA VAL A 848 47.21 -24.32 3.49
C VAL A 848 45.76 -23.93 3.74
N VAL A 849 44.91 -24.18 2.75
CA VAL A 849 43.51 -23.80 2.80
C VAL A 849 42.66 -24.94 2.23
N ASN A 850 41.47 -25.12 2.79
CA ASN A 850 40.53 -26.11 2.30
C ASN A 850 39.12 -25.56 2.44
N GLY A 851 38.23 -26.03 1.57
CA GLY A 851 36.84 -25.59 1.59
C GLY A 851 35.85 -26.72 1.78
N VAL A 875 40.05 -31.13 0.41
CA VAL A 875 41.48 -31.41 0.47
C VAL A 875 42.24 -30.10 0.65
N GLN A 876 43.21 -30.11 1.58
CA GLN A 876 44.02 -28.93 1.82
C GLN A 876 44.97 -28.70 0.65
N VAL A 877 44.97 -27.48 0.13
CA VAL A 877 45.72 -27.13 -1.08
C VAL A 877 46.40 -25.78 -0.84
N PRO A 878 47.43 -25.43 -1.62
CA PRO A 878 48.04 -24.11 -1.46
C PRO A 878 47.05 -22.99 -1.72
N LEU A 879 47.29 -21.85 -1.06
CA LEU A 879 46.37 -20.73 -1.13
C LEU A 879 46.25 -20.21 -2.56
N TYR A 880 47.38 -20.07 -3.26
CA TYR A 880 47.36 -19.66 -4.66
C TYR A 880 46.66 -20.71 -5.51
N THR A 881 46.87 -21.99 -5.20
CA THR A 881 46.20 -23.05 -5.93
C THR A 881 44.68 -22.94 -5.80
N LYS A 882 44.18 -22.68 -4.59
CA LYS A 882 42.75 -22.51 -4.43
C LYS A 882 42.25 -21.24 -5.11
N ILE A 883 43.06 -20.17 -5.10
CA ILE A 883 42.68 -18.95 -5.81
C ILE A 883 42.47 -19.25 -7.29
N ILE A 884 43.44 -19.92 -7.92
CA ILE A 884 43.32 -20.19 -9.35
C ILE A 884 42.22 -21.21 -9.63
N LYS A 885 42.00 -22.16 -8.72
CA LYS A 885 40.89 -23.09 -8.88
C LYS A 885 39.55 -22.37 -8.85
N LEU A 886 39.39 -21.44 -7.93
CA LEU A 886 38.15 -20.65 -7.87
C LEU A 886 38.00 -19.80 -9.12
N PHE A 887 39.10 -19.22 -9.61
CA PHE A 887 39.04 -18.44 -10.85
C PHE A 887 38.60 -19.31 -12.01
N VAL A 888 39.12 -20.54 -12.09
CA VAL A 888 38.69 -21.48 -13.12
C VAL A 888 37.20 -21.78 -12.99
N SER A 889 36.75 -21.99 -11.74
CA SER A 889 35.34 -22.28 -11.52
C SER A 889 34.45 -21.12 -11.96
N GLU A 890 34.90 -19.89 -11.74
CA GLU A 890 34.16 -18.72 -12.23
C GLU A 890 34.10 -18.72 -13.75
N LEU A 891 35.22 -19.04 -14.41
CA LEU A 891 35.23 -19.10 -15.87
C LEU A 891 34.27 -20.16 -16.38
N SER A 892 34.19 -21.30 -15.69
CA SER A 892 33.23 -22.33 -16.08
C SER A 892 31.80 -21.83 -15.95
N PHE A 893 31.49 -21.12 -14.87
CA PHE A 893 30.14 -20.62 -14.65
C PHE A 893 29.73 -19.62 -15.72
N GLN A 894 30.60 -18.64 -16.00
CA GLN A 894 30.26 -17.60 -16.97
C GLN A 894 30.09 -18.17 -18.37
N SER A 895 30.77 -19.28 -18.68
CA SER A 895 30.65 -19.94 -19.97
C SER A 895 29.19 -20.25 -20.30
N LYS A 896 28.40 -20.56 -19.27
CA LYS A 896 26.97 -20.83 -19.42
C LYS A 896 26.70 -21.94 -20.44
N ILE A 955 26.72 -4.43 -6.55
CA ILE A 955 26.29 -3.05 -6.73
C ILE A 955 27.17 -2.11 -5.91
N THR A 956 28.27 -2.64 -5.37
CA THR A 956 29.18 -1.83 -4.60
C THR A 956 29.78 -0.70 -5.42
N GLY A 957 30.20 -1.00 -6.65
CA GLY A 957 30.72 0.01 -7.54
C GLY A 957 31.97 0.71 -7.05
N LEU A 958 32.70 0.12 -6.11
CA LEU A 958 33.90 0.76 -5.57
C LEU A 958 35.09 0.65 -6.50
N MET A 959 35.06 -0.28 -7.46
CA MET A 959 36.13 -0.44 -8.44
C MET A 959 35.54 -0.56 -9.84
N ASP A 960 34.58 0.32 -10.15
CA ASP A 960 33.93 0.29 -11.44
C ASP A 960 34.92 0.66 -12.53
N VAL A 961 35.04 -0.20 -13.54
CA VAL A 961 35.94 0.05 -14.67
C VAL A 961 35.13 -0.12 -15.95
N LYS A 962 33.90 -0.62 -15.80
CA LYS A 962 32.99 -0.89 -16.92
C LYS A 962 33.67 -1.80 -17.95
N GLU A 963 34.29 -2.86 -17.45
CA GLU A 963 34.95 -3.86 -18.28
C GLU A 963 34.46 -5.24 -17.86
N SER A 964 34.19 -6.09 -18.85
CA SER A 964 33.57 -7.38 -18.59
C SER A 964 34.56 -8.34 -17.91
N VAL A 965 34.00 -9.28 -17.15
CA VAL A 965 34.81 -10.26 -16.44
C VAL A 965 35.59 -11.16 -17.40
N VAL A 966 35.07 -11.33 -18.62
CA VAL A 966 35.71 -12.25 -19.57
C VAL A 966 37.11 -11.76 -19.92
N GLN A 967 37.27 -10.46 -20.19
CA GLN A 967 38.58 -9.97 -20.56
C GLN A 967 39.53 -9.93 -19.36
N LEU A 968 39.00 -9.69 -18.15
CA LEU A 968 39.82 -9.89 -16.95
C LEU A 968 40.34 -11.31 -16.87
N LEU A 969 39.47 -12.29 -17.11
CA LEU A 969 39.87 -13.69 -17.02
C LEU A 969 40.93 -14.02 -18.06
N VAL A 970 40.72 -13.59 -19.31
CA VAL A 970 41.66 -13.96 -20.36
C VAL A 970 43.01 -13.28 -20.13
N ARG A 971 43.01 -12.02 -19.69
CA ARG A 971 44.28 -11.36 -19.41
C ARG A 971 44.98 -11.98 -18.20
N PHE A 972 44.22 -12.43 -17.20
CA PHE A 972 44.81 -13.10 -16.05
C PHE A 972 45.49 -14.39 -16.48
N PHE A 973 44.77 -15.26 -17.20
CA PHE A 973 45.35 -16.53 -17.62
C PHE A 973 46.49 -16.35 -18.61
N LYS A 974 46.46 -15.29 -19.44
CA LYS A 974 47.60 -15.09 -20.33
C LYS A 974 48.82 -14.58 -19.58
N GLU A 975 48.63 -13.74 -18.56
CA GLU A 975 49.76 -13.35 -17.72
C GLU A 975 50.32 -14.55 -16.97
N VAL A 976 49.43 -15.44 -16.51
CA VAL A 976 49.88 -16.68 -15.87
C VAL A 976 50.69 -17.54 -16.84
N ALA A 977 50.15 -17.75 -18.04
CA ALA A 977 50.84 -18.53 -19.07
C ALA A 977 52.14 -17.87 -19.52
N SER A 978 52.33 -16.58 -19.24
CA SER A 978 53.62 -15.95 -19.42
C SER A 978 54.66 -16.43 -18.40
N LYS A 979 54.31 -17.43 -17.60
CA LYS A 979 55.23 -18.09 -16.66
C LYS A 979 55.82 -17.14 -15.64
N ASP A 980 54.96 -16.49 -14.84
CA ASP A 980 55.44 -15.77 -13.67
C ASP A 980 55.98 -16.74 -12.61
N VAL A 981 55.18 -17.76 -12.28
CA VAL A 981 55.57 -18.82 -11.36
C VAL A 981 55.19 -20.14 -12.00
N SER A 982 56.11 -21.11 -12.00
CA SER A 982 55.92 -22.35 -12.74
C SER A 982 54.84 -23.24 -12.13
N GLY A 983 54.36 -22.93 -10.93
CA GLY A 983 53.41 -23.81 -10.25
C GLY A 983 52.10 -24.01 -11.00
N PHE A 984 51.74 -23.07 -11.88
CA PHE A 984 50.44 -23.16 -12.54
C PHE A 984 50.34 -24.39 -13.43
N HIS A 985 51.45 -24.79 -14.06
CA HIS A 985 51.43 -25.99 -14.89
C HIS A 985 51.20 -27.24 -14.05
N CYS A 986 51.88 -27.33 -12.90
CA CYS A 986 51.67 -28.45 -12.00
C CYS A 986 50.23 -28.50 -11.51
N ILE A 987 49.66 -27.34 -11.18
CA ILE A 987 48.27 -27.32 -10.72
C ILE A 987 47.32 -27.73 -11.84
N TYR A 988 47.55 -27.20 -13.05
CA TYR A 988 46.70 -27.56 -14.19
C TYR A 988 46.75 -29.05 -14.47
N GLU A 989 47.94 -29.66 -14.38
CA GLU A 989 48.04 -31.11 -14.53
C GLU A 989 47.41 -31.85 -13.35
N THR A 990 47.37 -31.22 -12.18
CA THR A 990 46.67 -31.82 -11.04
C THR A 990 45.15 -31.68 -11.16
N LEU A 991 44.69 -30.55 -11.69
CA LEU A 991 43.26 -30.32 -11.85
C LEU A 991 42.67 -31.26 -12.88
N SER A 992 41.34 -31.37 -12.87
CA SER A 992 40.64 -32.27 -13.77
C SER A 992 40.91 -31.90 -15.22
N ASP A 993 40.97 -32.94 -16.08
CA ASP A 993 41.23 -32.73 -17.49
C ASP A 993 40.17 -31.84 -18.13
N SER A 994 38.92 -31.95 -17.68
CA SER A 994 37.85 -31.14 -18.25
C SER A 994 38.11 -29.65 -18.05
N GLU A 995 38.57 -29.27 -16.85
CA GLU A 995 38.86 -27.87 -16.58
C GLU A 995 40.01 -27.37 -17.44
N ARG A 996 41.05 -28.19 -17.60
CA ARG A 996 42.17 -27.80 -18.47
C ARG A 996 41.72 -27.63 -19.90
N LYS A 997 40.82 -28.50 -20.37
CA LYS A 997 40.27 -28.37 -21.71
C LYS A 997 39.45 -27.09 -21.85
N VAL A 998 38.65 -26.76 -20.84
CA VAL A 998 37.89 -25.52 -20.87
C VAL A 998 38.82 -24.31 -20.96
N LEU A 999 39.90 -24.33 -20.19
CA LEU A 999 40.88 -23.24 -20.26
C LEU A 999 41.53 -23.17 -21.64
N SER A 1000 41.91 -24.32 -22.20
CA SER A 1000 42.55 -24.33 -23.51
C SER A 1000 41.61 -23.85 -24.61
N GLU A 1001 40.31 -24.12 -24.48
CA GLU A 1001 39.35 -23.67 -25.48
C GLU A 1001 38.97 -22.20 -25.27
N ALA A 1002 39.08 -21.70 -24.04
CA ALA A 1002 38.85 -20.28 -23.81
C ALA A 1002 40.03 -19.44 -24.26
N LEU A 1003 41.25 -19.97 -24.17
CA LEU A 1003 42.44 -19.27 -24.65
C LEU A 1003 43.60 -20.24 -24.80
N GLU B 9 -18.09 5.17 35.68
CA GLU B 9 -18.56 6.38 35.01
C GLU B 9 -17.76 6.63 33.73
N VAL B 10 -16.45 6.40 33.80
CA VAL B 10 -15.59 6.58 32.62
C VAL B 10 -16.00 5.58 31.55
N PRO B 11 -16.30 6.01 30.33
CA PRO B 11 -16.64 5.05 29.28
C PRO B 11 -15.43 4.21 28.89
N THR B 12 -15.71 2.96 28.51
CA THR B 12 -14.68 2.04 28.06
C THR B 12 -15.18 1.26 26.86
N PHE B 13 -14.30 1.06 25.88
CA PHE B 13 -14.65 0.39 24.64
C PHE B 13 -13.64 -0.71 24.36
N LYS B 14 -14.13 -1.91 24.04
CA LYS B 14 -13.27 -3.04 23.73
C LYS B 14 -12.82 -2.96 22.28
N LEU B 15 -11.52 -3.04 22.06
CA LEU B 15 -10.93 -3.01 20.72
C LEU B 15 -10.13 -4.29 20.50
N VAL B 16 -10.41 -4.98 19.40
CA VAL B 16 -9.67 -6.18 19.02
C VAL B 16 -8.79 -5.84 17.83
N LEU B 17 -7.48 -6.03 18.00
CA LEU B 17 -6.53 -5.87 16.90
C LEU B 17 -6.40 -7.18 16.15
N VAL B 18 -6.52 -7.12 14.82
CA VAL B 18 -6.36 -8.29 13.98
C VAL B 18 -5.41 -7.96 12.84
N GLY B 19 -4.82 -9.00 12.26
CA GLY B 19 -3.88 -8.86 11.17
C GLY B 19 -2.79 -9.89 11.28
N ASP B 20 -2.20 -10.25 10.14
CA ASP B 20 -1.18 -11.29 10.10
C ASP B 20 0.06 -10.86 10.91
N GLY B 21 0.92 -11.84 11.16
CA GLY B 21 2.18 -11.55 11.83
C GLY B 21 3.06 -10.63 11.02
N GLY B 22 3.87 -9.85 11.71
CA GLY B 22 4.79 -8.94 11.07
C GLY B 22 4.20 -7.59 10.68
N THR B 23 2.94 -7.34 10.97
CA THR B 23 2.31 -6.07 10.62
C THR B 23 2.40 -5.02 11.72
N GLY B 24 3.11 -5.30 12.81
CA GLY B 24 3.39 -4.29 13.80
C GLY B 24 2.23 -3.90 14.68
N LYS B 25 1.27 -4.80 14.92
CA LYS B 25 0.19 -4.50 15.85
C LYS B 25 0.74 -4.30 17.27
N THR B 26 1.66 -5.17 17.68
CA THR B 26 2.21 -5.07 19.02
C THR B 26 3.03 -3.80 19.20
N THR B 27 3.81 -3.43 18.20
CA THR B 27 4.57 -2.17 18.28
C THR B 27 3.63 -0.97 18.34
N PHE B 28 2.56 -0.99 17.54
CA PHE B 28 1.59 0.10 17.54
C PHE B 28 0.94 0.25 18.91
N VAL B 29 0.50 -0.87 19.49
CA VAL B 29 -0.14 -0.82 20.80
C VAL B 29 0.86 -0.39 21.88
N LYS B 30 2.09 -0.89 21.81
CA LYS B 30 3.10 -0.51 22.79
C LYS B 30 3.45 0.96 22.69
N ARG B 31 3.54 1.49 21.47
CA ARG B 31 3.77 2.92 21.27
C ARG B 31 2.67 3.74 21.92
N HIS B 32 1.41 3.37 21.68
CA HIS B 32 0.33 4.07 22.36
C HIS B 32 0.40 3.92 23.87
N LEU B 33 0.79 2.74 24.36
CA LEU B 33 0.75 2.49 25.81
C LEU B 33 1.87 3.20 26.54
N THR B 34 3.07 3.26 25.97
CA THR B 34 4.23 3.80 26.67
C THR B 34 5.02 4.84 25.88
N GLY B 35 4.90 4.90 24.55
CA GLY B 35 5.70 5.79 23.75
C GLY B 35 7.02 5.21 23.28
N GLU B 36 7.39 4.04 23.76
CA GLU B 36 8.58 3.36 23.27
C GLU B 36 8.26 2.56 22.01
N PHE B 37 9.29 2.25 21.24
CA PHE B 37 9.13 1.50 20.00
C PHE B 37 10.22 0.44 19.94
N GLU B 38 9.80 -0.82 19.84
CA GLU B 38 10.70 -1.96 19.96
C GLU B 38 10.96 -2.56 18.59
N LYS B 39 12.23 -2.71 18.23
CA LYS B 39 12.64 -2.96 16.85
C LYS B 39 12.66 -4.43 16.47
N LYS B 40 12.60 -5.36 17.41
CA LYS B 40 12.83 -6.77 17.12
C LYS B 40 11.51 -7.54 17.19
N TYR B 41 11.14 -8.18 16.08
CA TYR B 41 9.90 -8.93 15.97
C TYR B 41 9.90 -10.10 16.94
N ILE B 42 9.05 -10.03 17.97
CA ILE B 42 8.82 -11.14 18.88
C ILE B 42 7.36 -11.57 18.73
N ALA B 43 7.14 -12.88 18.56
CA ALA B 43 5.81 -13.38 18.31
C ALA B 43 4.92 -13.19 19.54
N THR B 44 3.62 -13.07 19.30
CA THR B 44 2.62 -12.91 20.34
C THR B 44 1.85 -14.20 20.52
N ILE B 45 1.71 -14.64 21.77
CA ILE B 45 0.98 -15.87 22.09
C ILE B 45 -0.35 -15.46 22.71
N GLY B 46 -1.44 -15.94 22.12
CA GLY B 46 -2.78 -15.59 22.57
C GLY B 46 -3.10 -14.12 22.34
N VAL B 47 -3.45 -13.40 23.40
CA VAL B 47 -3.77 -11.99 23.32
C VAL B 47 -3.20 -11.26 24.54
N GLU B 48 -2.90 -9.98 24.36
CA GLU B 48 -2.55 -9.09 25.45
C GLU B 48 -3.58 -7.97 25.52
N VAL B 49 -4.06 -7.70 26.72
CA VAL B 49 -5.07 -6.67 26.94
C VAL B 49 -4.38 -5.46 27.54
N HIS B 50 -4.41 -4.33 26.82
CA HIS B 50 -3.75 -3.12 27.23
C HIS B 50 -4.76 -1.98 27.33
N PRO B 51 -4.88 -1.31 28.47
CA PRO B 51 -5.78 -0.16 28.57
C PRO B 51 -5.10 1.10 28.07
N LEU B 52 -5.65 1.69 27.01
CA LEU B 52 -5.15 2.94 26.45
C LEU B 52 -6.08 4.08 26.86
N SER B 53 -5.49 5.17 27.34
CA SER B 53 -6.25 6.33 27.78
C SER B 53 -5.96 7.49 26.83
N PHE B 54 -7.02 8.04 26.24
CA PHE B 54 -6.92 9.21 25.37
C PHE B 54 -7.74 10.34 25.97
N TYR B 55 -7.09 11.46 26.24
CA TYR B 55 -7.79 12.64 26.72
C TYR B 55 -8.36 13.43 25.55
N THR B 56 -9.57 13.96 25.76
CA THR B 56 -10.29 14.69 24.72
C THR B 56 -10.86 15.96 25.31
N ASN B 57 -11.37 16.82 24.42
CA ASN B 57 -12.06 18.04 24.83
C ASN B 57 -13.42 17.75 25.45
N PHE B 58 -13.84 16.49 25.39
CA PHE B 58 -15.13 16.04 25.92
C PHE B 58 -14.93 14.85 26.85
N GLY B 59 -13.97 14.98 27.77
CA GLY B 59 -13.70 13.92 28.72
C GLY B 59 -12.70 12.90 28.21
N GLU B 60 -12.71 11.73 28.84
CA GLU B 60 -11.72 10.69 28.58
C GLU B 60 -12.35 9.52 27.82
N ILE B 61 -11.61 9.02 26.83
CA ILE B 61 -11.96 7.80 26.12
C ILE B 61 -10.88 6.77 26.43
N LYS B 62 -11.29 5.58 26.88
CA LYS B 62 -10.37 4.57 27.38
C LYS B 62 -10.62 3.24 26.66
N PHE B 63 -9.91 3.03 25.57
CA PHE B 63 -10.00 1.76 24.84
C PHE B 63 -9.28 0.65 25.59
N ASP B 64 -9.84 -0.57 25.46
CA ASP B 64 -9.18 -1.78 26.00
C ASP B 64 -8.81 -2.60 24.77
N VAL B 65 -7.58 -2.45 24.28
CA VAL B 65 -7.16 -3.05 23.03
C VAL B 65 -6.79 -4.51 23.27
N TRP B 66 -7.31 -5.39 22.42
CA TRP B 66 -6.98 -6.81 22.47
C TRP B 66 -6.04 -7.11 21.30
N ASP B 67 -4.75 -7.26 21.61
CA ASP B 67 -3.74 -7.51 20.58
C ASP B 67 -3.72 -9.00 20.27
N THR B 68 -4.56 -9.41 19.33
CA THR B 68 -4.67 -10.81 18.98
C THR B 68 -3.47 -11.27 18.16
N ALA B 69 -3.07 -12.52 18.38
CA ALA B 69 -1.97 -13.09 17.63
C ALA B 69 -2.35 -13.24 16.15
N GLY B 70 -1.39 -12.93 15.28
CA GLY B 70 -1.60 -13.01 13.85
C GLY B 70 -1.13 -14.30 13.21
N LEU B 71 -0.64 -15.25 13.98
CA LEU B 71 -0.15 -16.52 13.48
C LEU B 71 -1.16 -17.61 13.80
N GLU B 72 -1.52 -18.41 12.79
CA GLU B 72 -2.53 -19.45 12.98
C GLU B 72 -2.08 -20.47 14.01
N LYS B 73 -0.79 -20.82 14.01
CA LYS B 73 -0.27 -21.76 15.00
C LYS B 73 -0.37 -21.22 16.41
N PHE B 74 -0.44 -19.90 16.58
CA PHE B 74 -0.59 -19.27 17.89
C PHE B 74 -1.96 -18.69 18.12
N GLY B 75 -2.82 -18.67 17.11
CA GLY B 75 -4.14 -18.09 17.26
C GLY B 75 -5.14 -19.02 17.92
N GLY B 76 -4.75 -19.61 19.05
CA GLY B 76 -5.65 -20.49 19.80
C GLY B 76 -6.90 -19.80 20.28
N LEU B 77 -8.06 -20.30 19.88
CA LEU B 77 -9.36 -19.77 20.30
C LEU B 77 -9.52 -18.30 19.95
N ARG B 78 -8.85 -17.86 18.87
CA ARG B 78 -8.84 -16.45 18.51
C ARG B 78 -10.24 -15.91 18.29
N ASP B 79 -11.10 -16.67 17.61
CA ASP B 79 -12.48 -16.24 17.41
C ASP B 79 -13.23 -16.06 18.73
N GLY B 80 -12.79 -16.73 19.79
CA GLY B 80 -13.43 -16.60 21.09
C GLY B 80 -13.24 -15.25 21.76
N TYR B 81 -12.42 -14.37 21.17
CA TYR B 81 -12.13 -13.07 21.74
C TYR B 81 -12.99 -11.96 21.17
N TYR B 82 -13.49 -12.11 19.95
CA TYR B 82 -14.27 -11.05 19.31
C TYR B 82 -15.66 -10.87 19.92
N ILE B 83 -16.12 -11.82 20.74
CA ILE B 83 -17.44 -11.70 21.34
C ILE B 83 -17.55 -10.42 22.15
N ASN B 84 -18.70 -9.76 22.04
CA ASN B 84 -19.05 -8.52 22.74
C ASN B 84 -18.00 -7.42 22.55
N ALA B 85 -17.22 -7.49 21.46
CA ALA B 85 -16.38 -6.38 21.08
C ALA B 85 -17.22 -5.26 20.49
N GLN B 86 -16.68 -4.04 20.55
CA GLN B 86 -17.38 -2.87 20.06
C GLN B 86 -16.69 -2.16 18.91
N CYS B 87 -15.43 -2.47 18.63
CA CYS B 87 -14.72 -1.90 17.49
C CYS B 87 -13.51 -2.77 17.20
N ALA B 88 -12.98 -2.64 15.98
CA ALA B 88 -11.86 -3.47 15.55
C ALA B 88 -10.98 -2.70 14.59
N ILE B 89 -9.71 -3.08 14.55
CA ILE B 89 -8.74 -2.53 13.61
C ILE B 89 -8.10 -3.70 12.86
N ILE B 90 -8.16 -3.66 11.53
CA ILE B 90 -7.51 -4.66 10.69
C ILE B 90 -6.18 -4.09 10.25
N MET B 91 -5.09 -4.66 10.74
CA MET B 91 -3.75 -4.21 10.40
C MET B 91 -3.18 -5.04 9.27
N PHE B 92 -2.40 -4.40 8.40
CA PHE B 92 -1.65 -5.12 7.40
C PHE B 92 -0.42 -4.31 7.04
N ASP B 93 0.68 -5.01 6.76
CA ASP B 93 1.92 -4.38 6.35
C ASP B 93 1.90 -4.19 4.84
N VAL B 94 2.21 -2.96 4.41
CA VAL B 94 2.16 -2.62 2.99
C VAL B 94 3.36 -3.26 2.30
N THR B 95 4.31 -3.76 3.10
CA THR B 95 5.48 -4.44 2.59
C THR B 95 5.20 -5.89 2.23
N SER B 96 4.04 -6.42 2.63
CA SER B 96 3.69 -7.84 2.43
C SER B 96 2.29 -7.88 1.81
N ARG B 97 2.24 -7.97 0.49
CA ARG B 97 0.97 -7.97 -0.24
C ARG B 97 0.09 -9.15 0.16
N ILE B 98 0.67 -10.26 0.60
CA ILE B 98 -0.12 -11.41 1.03
C ILE B 98 -1.00 -11.05 2.22
N THR B 99 -0.52 -10.15 3.09
CA THR B 99 -1.33 -9.75 4.24
C THR B 99 -2.57 -8.98 3.79
N TYR B 100 -2.40 -8.08 2.82
CA TYR B 100 -3.58 -7.40 2.28
C TYR B 100 -4.50 -8.37 1.57
N LYS B 101 -3.95 -9.35 0.86
CA LYS B 101 -4.77 -10.37 0.22
C LYS B 101 -5.54 -11.20 1.25
N ASN B 102 -5.02 -11.32 2.47
CA ASN B 102 -5.67 -12.07 3.53
C ASN B 102 -6.57 -11.21 4.40
N VAL B 103 -6.51 -9.88 4.27
CA VAL B 103 -7.36 -8.96 5.01
C VAL B 103 -8.86 -9.29 4.87
N PRO B 104 -9.38 -9.63 3.69
CA PRO B 104 -10.82 -9.94 3.61
C PRO B 104 -11.25 -11.05 4.54
N ASN B 105 -10.39 -12.05 4.77
CA ASN B 105 -10.73 -13.10 5.73
C ASN B 105 -10.82 -12.53 7.14
N TRP B 106 -9.93 -11.61 7.50
CA TRP B 106 -10.01 -10.97 8.81
C TRP B 106 -11.32 -10.20 8.96
N HIS B 107 -11.71 -9.44 7.92
CA HIS B 107 -12.97 -8.72 7.99
C HIS B 107 -14.15 -9.68 8.11
N ARG B 108 -14.12 -10.79 7.37
CA ARG B 108 -15.18 -11.78 7.46
C ARG B 108 -15.31 -12.33 8.88
N ASP B 109 -14.19 -12.73 9.48
CA ASP B 109 -14.24 -13.29 10.83
C ASP B 109 -14.66 -12.24 11.85
N LEU B 110 -14.30 -10.98 11.63
CA LEU B 110 -14.75 -9.93 12.55
C LEU B 110 -16.26 -9.72 12.44
N VAL B 111 -16.78 -9.57 11.22
CA VAL B 111 -18.20 -9.27 11.06
C VAL B 111 -19.06 -10.49 11.40
N ARG B 112 -18.50 -11.69 11.37
CA ARG B 112 -19.27 -12.87 11.79
C ARG B 112 -19.59 -12.81 13.27
N VAL B 113 -18.59 -12.56 14.11
CA VAL B 113 -18.78 -12.62 15.56
C VAL B 113 -19.53 -11.40 16.05
N CYS B 114 -19.18 -10.22 15.56
CA CYS B 114 -19.81 -8.96 15.97
C CYS B 114 -20.05 -8.12 14.71
N GLU B 115 -21.24 -8.25 14.13
CA GLU B 115 -21.55 -7.58 12.89
C GLU B 115 -21.71 -6.08 13.09
N ASN B 116 -21.52 -5.33 12.01
CA ASN B 116 -21.79 -3.90 11.87
C ASN B 116 -21.03 -3.02 12.86
N ILE B 117 -20.03 -3.57 13.55
CA ILE B 117 -19.18 -2.75 14.43
C ILE B 117 -18.34 -1.83 13.56
N PRO B 118 -17.90 -0.68 14.06
CA PRO B 118 -16.99 0.18 13.27
C PRO B 118 -15.61 -0.45 13.19
N ILE B 119 -15.12 -0.66 11.96
CA ILE B 119 -13.87 -1.36 11.71
C ILE B 119 -12.98 -0.46 10.87
N VAL B 120 -11.72 -0.32 11.29
CA VAL B 120 -10.75 0.53 10.61
C VAL B 120 -9.68 -0.35 9.97
N LEU B 121 -9.36 -0.06 8.72
CA LEU B 121 -8.30 -0.77 8.00
C LEU B 121 -7.05 0.10 7.99
N CYS B 122 -5.95 -0.45 8.48
CA CYS B 122 -4.73 0.32 8.73
C CYS B 122 -3.55 -0.34 8.02
N GLY B 123 -2.97 0.37 7.06
CA GLY B 123 -1.75 -0.09 6.41
C GLY B 123 -0.52 0.34 7.16
N ASN B 124 0.10 -0.58 7.89
CA ASN B 124 1.16 -0.23 8.82
C ASN B 124 2.49 -0.02 8.09
N LYS B 125 3.42 0.66 8.76
CA LYS B 125 4.81 0.82 8.22
C LYS B 125 4.87 1.32 6.77
N VAL B 126 4.26 2.45 6.45
CA VAL B 126 4.47 3.01 5.12
C VAL B 126 5.92 3.41 4.89
N ASP B 127 6.68 3.61 5.98
CA ASP B 127 8.05 4.11 5.85
C ASP B 127 9.00 3.09 5.24
N VAL B 128 8.73 1.79 5.42
CA VAL B 128 9.65 0.77 4.92
C VAL B 128 9.70 0.81 3.41
N LYS B 129 10.91 1.00 2.86
CA LYS B 129 11.17 1.08 1.43
C LYS B 129 10.15 1.97 0.73
N GLU B 130 9.39 1.38 -0.19
CA GLU B 130 8.28 2.03 -0.87
C GLU B 130 7.08 1.11 -0.82
N ARG B 131 5.89 1.69 -0.96
CA ARG B 131 4.65 0.92 -0.93
C ARG B 131 4.71 -0.21 -1.93
N LYS B 132 4.45 -1.43 -1.46
CA LYS B 132 4.39 -2.61 -2.32
C LYS B 132 2.97 -2.96 -2.72
N VAL B 133 1.97 -2.32 -2.12
CA VAL B 133 0.57 -2.60 -2.44
C VAL B 133 -0.08 -1.41 -3.13
N LYS B 134 0.59 -0.26 -3.15
CA LYS B 134 0.18 0.94 -3.91
C LYS B 134 -1.27 1.28 -3.58
N ALA B 135 -2.13 1.54 -4.57
CA ALA B 135 -3.49 2.01 -4.35
C ALA B 135 -4.52 0.90 -4.34
N LYS B 136 -4.11 -0.37 -4.47
CA LYS B 136 -5.06 -1.48 -4.41
C LYS B 136 -5.79 -1.52 -3.07
N THR B 137 -5.16 -0.99 -2.01
CA THR B 137 -5.79 -0.98 -0.69
C THR B 137 -7.12 -0.25 -0.68
N ILE B 138 -7.34 0.66 -1.63
CA ILE B 138 -8.60 1.39 -1.67
C ILE B 138 -9.75 0.48 -2.06
N THR B 139 -9.46 -0.58 -2.83
CA THR B 139 -10.52 -1.41 -3.40
C THR B 139 -11.36 -2.11 -2.33
N PHE B 140 -10.73 -2.57 -1.25
CA PHE B 140 -11.48 -3.35 -0.27
C PHE B 140 -12.42 -2.49 0.57
N HIS B 141 -11.93 -1.37 1.09
CA HIS B 141 -12.73 -0.61 2.03
C HIS B 141 -13.87 0.15 1.35
N ARG B 142 -13.71 0.50 0.07
CA ARG B 142 -14.69 1.35 -0.59
C ARG B 142 -16.08 0.72 -0.64
N LYS B 143 -16.16 -0.60 -0.66
CA LYS B 143 -17.44 -1.29 -0.73
C LYS B 143 -18.02 -1.59 0.66
N LYS B 144 -17.17 -2.03 1.59
CA LYS B 144 -17.60 -2.42 2.92
C LYS B 144 -17.65 -1.26 3.89
N ASN B 145 -17.40 -0.03 3.43
CA ASN B 145 -17.55 1.19 4.22
C ASN B 145 -16.56 1.25 5.39
N LEU B 146 -15.40 0.62 5.24
CA LEU B 146 -14.30 0.85 6.17
C LEU B 146 -13.59 2.15 5.82
N GLN B 147 -12.77 2.64 6.76
CA GLN B 147 -11.91 3.79 6.52
C GLN B 147 -10.46 3.33 6.53
N TYR B 148 -9.75 3.64 5.45
CA TYR B 148 -8.36 3.22 5.31
C TYR B 148 -7.42 4.35 5.71
N TYR B 149 -6.46 4.03 6.59
CA TYR B 149 -5.47 4.97 7.05
C TYR B 149 -4.07 4.40 6.88
N ASP B 150 -3.19 5.16 6.24
CA ASP B 150 -1.76 4.83 6.30
C ASP B 150 -1.21 5.24 7.66
N ILE B 151 -0.69 4.27 8.40
CA ILE B 151 -0.14 4.49 9.74
C ILE B 151 1.22 3.80 9.81
N SER B 152 1.95 4.08 10.88
CA SER B 152 3.26 3.48 11.08
C SER B 152 3.60 3.53 12.57
N ALA B 153 4.52 2.66 12.97
CA ALA B 153 5.03 2.65 14.33
C ALA B 153 6.47 3.13 14.42
N LYS B 154 7.23 3.10 13.32
CA LYS B 154 8.56 3.71 13.33
C LYS B 154 8.46 5.22 13.35
N SER B 155 7.52 5.78 12.60
CA SER B 155 7.23 7.20 12.61
C SER B 155 5.76 7.42 12.90
N ASN B 156 5.46 8.48 13.64
CA ASN B 156 4.09 8.75 14.06
C ASN B 156 3.31 9.46 12.97
N TYR B 157 3.21 8.83 11.80
CA TYR B 157 2.56 9.48 10.66
C TYR B 157 1.07 9.70 10.92
N ASN B 158 0.36 8.64 11.33
CA ASN B 158 -1.07 8.75 11.59
C ASN B 158 -1.49 7.91 12.79
N PHE B 159 -0.58 7.71 13.75
CA PHE B 159 -0.81 6.74 14.81
C PHE B 159 -2.04 7.03 15.66
N GLU B 160 -2.47 8.29 15.75
CA GLU B 160 -3.66 8.62 16.53
C GLU B 160 -4.96 8.60 15.72
N LYS B 161 -4.87 8.60 14.38
CA LYS B 161 -6.08 8.69 13.58
C LYS B 161 -7.07 7.54 13.78
N PRO B 162 -6.64 6.27 13.83
CA PRO B 162 -7.64 5.20 14.01
C PRO B 162 -8.44 5.33 15.30
N PHE B 163 -7.76 5.59 16.42
CA PHE B 163 -8.46 5.76 17.69
C PHE B 163 -9.35 6.99 17.67
N LEU B 164 -8.92 8.05 16.99
CA LEU B 164 -9.76 9.24 16.91
C LEU B 164 -11.04 8.95 16.13
N TRP B 165 -10.93 8.24 15.01
CA TRP B 165 -12.12 7.91 14.23
C TRP B 165 -13.04 6.98 15.00
N LEU B 166 -12.47 5.99 15.70
CA LEU B 166 -13.28 5.08 16.51
C LEU B 166 -13.99 5.83 17.63
N ALA B 167 -13.28 6.76 18.29
CA ALA B 167 -13.91 7.55 19.35
C ALA B 167 -15.06 8.39 18.79
N ARG B 168 -14.85 9.00 17.62
CA ARG B 168 -15.92 9.78 17.01
C ARG B 168 -17.12 8.90 16.68
N LYS B 169 -16.88 7.70 16.16
CA LYS B 169 -17.99 6.83 15.76
C LYS B 169 -18.71 6.26 16.97
N LEU B 170 -18.00 6.00 18.07
CA LEU B 170 -18.63 5.40 19.24
C LEU B 170 -19.34 6.43 20.12
N ALA B 171 -18.66 7.53 20.45
CA ALA B 171 -19.26 8.56 21.27
C ALA B 171 -20.33 9.36 20.52
N GLY B 172 -20.44 9.19 19.21
CA GLY B 172 -21.48 9.85 18.45
C GLY B 172 -21.27 11.34 18.22
N ASN B 173 -20.10 11.86 18.53
CA ASN B 173 -19.84 13.30 18.42
C ASN B 173 -18.66 13.47 17.46
N PRO B 174 -18.91 13.82 16.19
CA PRO B 174 -17.80 13.98 15.24
C PRO B 174 -16.83 15.09 15.60
N GLN B 175 -17.21 16.02 16.46
CA GLN B 175 -16.34 17.14 16.80
C GLN B 175 -15.31 16.78 17.87
N LEU B 176 -15.38 15.58 18.44
CA LEU B 176 -14.42 15.17 19.45
C LEU B 176 -13.02 15.09 18.84
N GLU B 177 -12.02 15.51 19.62
CA GLU B 177 -10.64 15.53 19.16
C GLU B 177 -9.72 15.30 20.35
N PHE B 178 -8.62 14.60 20.11
CA PHE B 178 -7.67 14.29 21.17
C PHE B 178 -6.75 15.48 21.44
N VAL B 179 -6.34 15.62 22.70
CA VAL B 179 -5.43 16.69 23.09
C VAL B 179 -4.22 16.09 23.82
PG GTP C . 2.17 -10.42 16.44
O1G GTP C . 1.21 -10.98 15.43
O2G GTP C . 3.11 -11.46 16.99
O3G GTP C . 1.49 -9.63 17.52
O3B GTP C . 3.08 -9.37 15.65
PB GTP C . 2.68 -8.05 14.83
O1B GTP C . 2.29 -8.43 13.45
O2B GTP C . 1.76 -7.25 15.69
O3A GTP C . 4.09 -7.31 14.80
PA GTP C . 4.94 -6.74 16.03
O1A GTP C . 4.38 -5.42 16.43
O2A GTP C . 5.00 -7.81 17.07
O5' GTP C . 6.38 -6.56 15.37
C5' GTP C . 6.50 -5.75 14.17
C4' GTP C . 7.93 -5.81 13.68
O4' GTP C . 8.13 -4.76 12.70
C3' GTP C . 8.99 -5.50 14.75
O3' GTP C . 10.28 -5.92 14.34
C2' GTP C . 8.89 -3.97 14.80
O2' GTP C . 10.01 -3.33 15.36
C1' GTP C . 8.73 -3.64 13.31
N9 GTP C . 7.88 -2.49 13.07
C8 GTP C . 6.69 -2.21 13.69
N7 GTP C . 6.14 -1.09 13.27
C5 GTP C . 7.03 -0.61 12.32
C6 GTP C . 6.96 0.57 11.53
O6 GTP C . 6.08 1.44 11.52
N1 GTP C . 8.07 0.68 10.70
C2 GTP C . 9.11 -0.22 10.63
N2 GTP C . 10.09 0.07 9.77
N3 GTP C . 9.18 -1.33 11.36
C4 GTP C . 8.10 -1.45 12.19
MG MG D . 3.68 -9.57 17.43
#